data_1DJ6
# 
_entry.id   1DJ6 
# 
_audit_conform.dict_name       mmcif_pdbx.dic 
_audit_conform.dict_version    5.389 
_audit_conform.dict_location   http://mmcif.pdb.org/dictionaries/ascii/mmcif_pdbx.dic 
# 
loop_
_database_2.database_id 
_database_2.database_code 
_database_2.pdbx_database_accession 
_database_2.pdbx_DOI 
PDB   1DJ6         pdb_00001dj6 10.2210/pdb1dj6/pdb 
NDB   ZD0003       ?            ?                   
RCSB  RCSB010125   ?            ?                   
WWPDB D_1000010125 ?            ?                   
# 
loop_
_pdbx_audit_revision_history.ordinal 
_pdbx_audit_revision_history.data_content_type 
_pdbx_audit_revision_history.major_revision 
_pdbx_audit_revision_history.minor_revision 
_pdbx_audit_revision_history.revision_date 
1 'Structure model' 1 0 1999-12-18 
2 'Structure model' 1 1 2008-04-27 
3 'Structure model' 1 2 2011-07-13 
4 'Structure model' 1 3 2017-10-04 
5 'Structure model' 1 4 2018-04-04 
6 'Structure model' 1 5 2024-02-07 
7 'Structure model' 1 6 2024-04-03 
# 
_pdbx_audit_revision_details.ordinal             1 
_pdbx_audit_revision_details.revision_ordinal    1 
_pdbx_audit_revision_details.data_content_type   'Structure model' 
_pdbx_audit_revision_details.provider            repository 
_pdbx_audit_revision_details.type                'Initial release' 
_pdbx_audit_revision_details.description         ? 
_pdbx_audit_revision_details.details             ? 
# 
loop_
_pdbx_audit_revision_group.ordinal 
_pdbx_audit_revision_group.revision_ordinal 
_pdbx_audit_revision_group.data_content_type 
_pdbx_audit_revision_group.group 
1 2 'Structure model' 'Version format compliance' 
2 3 'Structure model' 'Version format compliance' 
3 4 'Structure model' 'Refinement description'    
4 5 'Structure model' 'Data collection'           
5 6 'Structure model' 'Data collection'           
6 6 'Structure model' 'Database references'       
7 6 'Structure model' 'Derived calculations'      
8 7 'Structure model' 'Refinement description'    
# 
loop_
_pdbx_audit_revision_category.ordinal 
_pdbx_audit_revision_category.revision_ordinal 
_pdbx_audit_revision_category.data_content_type 
_pdbx_audit_revision_category.category 
1 4 'Structure model' software                      
2 5 'Structure model' diffrn_source                 
3 6 'Structure model' chem_comp_atom                
4 6 'Structure model' chem_comp_bond                
5 6 'Structure model' database_2                    
6 6 'Structure model' pdbx_struct_conn_angle        
7 6 'Structure model' struct_conn                   
8 6 'Structure model' struct_site                   
9 7 'Structure model' pdbx_initial_refinement_model 
# 
loop_
_pdbx_audit_revision_item.ordinal 
_pdbx_audit_revision_item.revision_ordinal 
_pdbx_audit_revision_item.data_content_type 
_pdbx_audit_revision_item.item 
1  4 'Structure model' '_software.name'                              
2  5 'Structure model' '_diffrn_source.type'                         
3  6 'Structure model' '_database_2.pdbx_DOI'                        
4  6 'Structure model' '_database_2.pdbx_database_accession'         
5  6 'Structure model' '_pdbx_struct_conn_angle.ptnr1_auth_comp_id'  
6  6 'Structure model' '_pdbx_struct_conn_angle.ptnr1_auth_seq_id'   
7  6 'Structure model' '_pdbx_struct_conn_angle.ptnr1_label_asym_id' 
8  6 'Structure model' '_pdbx_struct_conn_angle.ptnr1_label_atom_id' 
9  6 'Structure model' '_pdbx_struct_conn_angle.ptnr1_label_comp_id' 
10 6 'Structure model' '_pdbx_struct_conn_angle.ptnr1_label_seq_id'  
11 6 'Structure model' '_pdbx_struct_conn_angle.ptnr1_symmetry'      
12 6 'Structure model' '_pdbx_struct_conn_angle.ptnr3_auth_comp_id'  
13 6 'Structure model' '_pdbx_struct_conn_angle.ptnr3_auth_seq_id'   
14 6 'Structure model' '_pdbx_struct_conn_angle.ptnr3_label_asym_id' 
15 6 'Structure model' '_pdbx_struct_conn_angle.ptnr3_label_atom_id' 
16 6 'Structure model' '_pdbx_struct_conn_angle.ptnr3_label_comp_id' 
17 6 'Structure model' '_pdbx_struct_conn_angle.ptnr3_label_seq_id'  
18 6 'Structure model' '_pdbx_struct_conn_angle.ptnr3_symmetry'      
19 6 'Structure model' '_pdbx_struct_conn_angle.value'               
20 6 'Structure model' '_struct_conn.pdbx_dist_value'                
21 6 'Structure model' '_struct_conn.ptnr1_auth_comp_id'             
22 6 'Structure model' '_struct_conn.ptnr1_auth_seq_id'              
23 6 'Structure model' '_struct_conn.ptnr1_label_asym_id'            
24 6 'Structure model' '_struct_conn.ptnr1_label_atom_id'            
25 6 'Structure model' '_struct_conn.ptnr1_label_comp_id'            
26 6 'Structure model' '_struct_conn.ptnr1_label_seq_id'             
27 6 'Structure model' '_struct_conn.ptnr1_symmetry'                 
28 6 'Structure model' '_struct_conn.ptnr2_auth_comp_id'             
29 6 'Structure model' '_struct_conn.ptnr2_auth_seq_id'              
30 6 'Structure model' '_struct_conn.ptnr2_label_asym_id'            
31 6 'Structure model' '_struct_conn.ptnr2_label_atom_id'            
32 6 'Structure model' '_struct_conn.ptnr2_label_comp_id'            
33 6 'Structure model' '_struct_conn.ptnr2_label_seq_id'             
34 6 'Structure model' '_struct_conn.ptnr2_symmetry'                 
35 6 'Structure model' '_struct_site.pdbx_auth_asym_id'              
36 6 'Structure model' '_struct_site.pdbx_auth_comp_id'              
37 6 'Structure model' '_struct_site.pdbx_auth_seq_id'               
# 
_pdbx_database_status.status_code                     REL 
_pdbx_database_status.entry_id                        1DJ6 
_pdbx_database_status.recvd_initial_deposition_date   1999-12-01 
_pdbx_database_status.deposit_site                    RCSB 
_pdbx_database_status.process_site                    RCSB 
_pdbx_database_status.status_code_sf                  REL 
_pdbx_database_status.status_code_mr                  ? 
_pdbx_database_status.SG_entry                        ? 
_pdbx_database_status.pdb_format_compatible           Y 
_pdbx_database_status.status_code_cs                  ? 
_pdbx_database_status.methods_development_category    ? 
_pdbx_database_status.status_code_nmr_data            ? 
# 
loop_
_pdbx_database_related.db_name 
_pdbx_database_related.db_id 
_pdbx_database_related.details 
_pdbx_database_related.content_type 
PDB 292D 'CRYSTAL STRUCTURE OF D(CG)3+PA(24) COMPLEX'         unspecified 
PDB 293D 'CRYSTAL STRUCTURE OF D(CG)3+SPERMIDINE COMPLEX'     unspecified 
PDB 336D 'CRYSTAL STRUCTURE OF D(CG)3+THERMOSPERMINE COMPLEX' unspecified 
# 
loop_
_audit_author.name 
_audit_author.pdbx_ordinal 
'Ohishi, H.'    1 
'Tomita, K.-i.' 2 
'Nakanishi, I.' 3 
'Ohtsuchi, M.'  4 
'Hakoshima, T.' 5 
'Rich, A.'      6 
# 
_citation.id                        primary 
_citation.title                     
;The crystal structure of N1-[2-(2-amino-ethylamino)-ethyl]-ethane-1,2-diamine (polyamines) binding to the minor groove of d(CGCGCG)2, hexamer at room temperature
;
_citation.journal_abbrev            'FEBS Lett.' 
_citation.journal_volume            523 
_citation.page_first                29 
_citation.page_last                 34 
_citation.year                      2002 
_citation.journal_id_ASTM           FEBLAL 
_citation.country                   NE 
_citation.journal_id_ISSN           0014-5793 
_citation.journal_id_CSD            0165 
_citation.book_publisher            ? 
_citation.pdbx_database_id_PubMed   12123799 
_citation.pdbx_database_id_DOI      '10.1016/S0014-5793(02)02922-8' 
# 
loop_
_citation_author.citation_id 
_citation_author.name 
_citation_author.ordinal 
_citation_author.identifier_ORCID 
primary 'Ohishi, H.'    1 ? 
primary 'Suzuki, K.'    2 ? 
primary 'Ohtsuchi, M.'  3 ? 
primary 'Hakoshima, T.' 4 ? 
primary 'Rich, A.'      5 ? 
# 
loop_
_entity.id 
_entity.type 
_entity.src_method 
_entity.pdbx_description 
_entity.formula_weight 
_entity.pdbx_number_of_molecules 
_entity.pdbx_ec 
_entity.pdbx_mutation 
_entity.pdbx_fragment 
_entity.details 
1 polymer     syn "5'-D(*CP*GP*CP*GP*CP*G)-3'"               1810.205 2  ? ? ? ? 
2 non-polymer syn 'MAGNESIUM ION'                            24.305   1  ? ? ? ? 
3 non-polymer syn "N,N'-BIS(2-AMINOETHYL)-1,2-ETHANEDIAMINE" 146.234  2  ? ? ? ? 
4 water       nat water                                      18.015   88 ? ? ? ? 
# 
_entity_poly.entity_id                      1 
_entity_poly.type                           polydeoxyribonucleotide 
_entity_poly.nstd_linkage                   no 
_entity_poly.nstd_monomer                   no 
_entity_poly.pdbx_seq_one_letter_code       '(DC)(DG)(DC)(DG)(DC)(DG)' 
_entity_poly.pdbx_seq_one_letter_code_can   CGCGCG 
_entity_poly.pdbx_strand_id                 A,B 
_entity_poly.pdbx_target_identifier         ? 
# 
loop_
_pdbx_entity_nonpoly.entity_id 
_pdbx_entity_nonpoly.name 
_pdbx_entity_nonpoly.comp_id 
2 'MAGNESIUM ION'                            MG  
3 "N,N'-BIS(2-AMINOETHYL)-1,2-ETHANEDIAMINE" 104 
4 water                                      HOH 
# 
loop_
_entity_poly_seq.entity_id 
_entity_poly_seq.num 
_entity_poly_seq.mon_id 
_entity_poly_seq.hetero 
1 1 DC n 
1 2 DG n 
1 3 DC n 
1 4 DG n 
1 5 DC n 
1 6 DG n 
# 
loop_
_chem_comp.id 
_chem_comp.type 
_chem_comp.mon_nstd_flag 
_chem_comp.name 
_chem_comp.pdbx_synonyms 
_chem_comp.formula 
_chem_comp.formula_weight 
104 non-polymer   . "N,N'-BIS(2-AMINOETHYL)-1,2-ETHANEDIAMINE" TRIENTINE 'C6 H18 N4'       146.234 
DC  'DNA linking' y "2'-DEOXYCYTIDINE-5'-MONOPHOSPHATE"        ?         'C9 H14 N3 O7 P'  307.197 
DG  'DNA linking' y "2'-DEOXYGUANOSINE-5'-MONOPHOSPHATE"       ?         'C10 H14 N5 O7 P' 347.221 
HOH non-polymer   . WATER                                      ?         'H2 O'            18.015  
MG  non-polymer   . 'MAGNESIUM ION'                            ?         'Mg 2'            24.305  
# 
loop_
_pdbx_poly_seq_scheme.asym_id 
_pdbx_poly_seq_scheme.entity_id 
_pdbx_poly_seq_scheme.seq_id 
_pdbx_poly_seq_scheme.mon_id 
_pdbx_poly_seq_scheme.ndb_seq_num 
_pdbx_poly_seq_scheme.pdb_seq_num 
_pdbx_poly_seq_scheme.auth_seq_num 
_pdbx_poly_seq_scheme.pdb_mon_id 
_pdbx_poly_seq_scheme.auth_mon_id 
_pdbx_poly_seq_scheme.pdb_strand_id 
_pdbx_poly_seq_scheme.pdb_ins_code 
_pdbx_poly_seq_scheme.hetero 
A 1 1 DC 1 1  1  DC C A . n 
A 1 2 DG 2 2  2  DG G A . n 
A 1 3 DC 3 3  3  DC C A . n 
A 1 4 DG 4 4  4  DG G A . n 
A 1 5 DC 5 5  5  DC C A . n 
A 1 6 DG 6 6  6  DG G A . n 
B 1 1 DC 1 7  7  DC C B . n 
B 1 2 DG 2 8  8  DG G B . n 
B 1 3 DC 3 9  9  DC C B . n 
B 1 4 DG 4 10 10 DG G B . n 
B 1 5 DC 5 11 11 DC C B . n 
B 1 6 DG 6 12 12 DG G B . n 
# 
loop_
_pdbx_nonpoly_scheme.asym_id 
_pdbx_nonpoly_scheme.entity_id 
_pdbx_nonpoly_scheme.mon_id 
_pdbx_nonpoly_scheme.ndb_seq_num 
_pdbx_nonpoly_scheme.pdb_seq_num 
_pdbx_nonpoly_scheme.auth_seq_num 
_pdbx_nonpoly_scheme.pdb_mon_id 
_pdbx_nonpoly_scheme.auth_mon_id 
_pdbx_nonpoly_scheme.pdb_strand_id 
_pdbx_nonpoly_scheme.pdb_ins_code 
C 2 MG  1  104 80  MG  MG  A . 
D 3 104 1  13  13  104 104 A . 
E 3 104 1  14  14  104 104 B . 
F 4 HOH 1  17  17  HOH WAT A . 
F 4 HOH 2  21  21  HOH WAT A . 
F 4 HOH 3  26  26  HOH WAT A . 
F 4 HOH 4  27  27  HOH WAT A . 
F 4 HOH 5  31  31  HOH WAT A . 
F 4 HOH 6  33  33  HOH WAT A . 
F 4 HOH 7  34  34  HOH WAT A . 
F 4 HOH 8  35  35  HOH WAT A . 
F 4 HOH 9  36  36  HOH WAT A . 
F 4 HOH 10 37  37  HOH WAT A . 
F 4 HOH 11 39  39  HOH WAT A . 
F 4 HOH 12 40  40  HOH WAT A . 
F 4 HOH 13 41  41  HOH WAT A . 
F 4 HOH 14 42  42  HOH WAT A . 
F 4 HOH 15 43  43  HOH WAT A . 
F 4 HOH 16 44  44  HOH WAT A . 
F 4 HOH 17 45  45  HOH WAT A . 
F 4 HOH 18 46  46  HOH WAT A . 
F 4 HOH 19 47  47  HOH WAT A . 
F 4 HOH 20 49  49  HOH WAT A . 
F 4 HOH 21 50  50  HOH WAT A . 
F 4 HOH 22 51  51  HOH WAT A . 
F 4 HOH 23 53  53  HOH WAT A . 
F 4 HOH 24 54  54  HOH WAT A . 
F 4 HOH 25 55  55  HOH WAT A . 
F 4 HOH 26 56  56  HOH WAT A . 
F 4 HOH 27 57  57  HOH WAT A . 
F 4 HOH 28 58  58  HOH WAT A . 
F 4 HOH 29 59  59  HOH WAT A . 
F 4 HOH 30 61  61  HOH WAT A . 
F 4 HOH 31 64  64  HOH WAT A . 
F 4 HOH 32 65  65  HOH WAT A . 
F 4 HOH 33 68  68  HOH WAT A . 
F 4 HOH 34 72  72  HOH WAT A . 
F 4 HOH 35 73  73  HOH WAT A . 
F 4 HOH 36 74  74  HOH WAT A . 
F 4 HOH 37 75  75  HOH WAT A . 
F 4 HOH 38 79  79  HOH WAT A . 
F 4 HOH 39 81  81  HOH WAT A . 
F 4 HOH 40 82  82  HOH WAT A . 
F 4 HOH 41 83  83  HOH WAT A . 
F 4 HOH 42 84  84  HOH WAT A . 
F 4 HOH 43 85  85  HOH WAT A . 
F 4 HOH 44 86  86  HOH WAT A . 
F 4 HOH 45 87  87  HOH WAT A . 
F 4 HOH 46 88  88  HOH WAT A . 
F 4 HOH 47 89  89  HOH WAT A . 
F 4 HOH 48 90  90  HOH WAT A . 
F 4 HOH 49 91  91  HOH WAT A . 
F 4 HOH 50 92  92  HOH WAT A . 
F 4 HOH 51 93  93  HOH WAT A . 
F 4 HOH 52 97  97  HOH WAT A . 
F 4 HOH 53 99  99  HOH WAT A . 
F 4 HOH 54 101 101 HOH WAT A . 
F 4 HOH 55 102 102 HOH WAT A . 
F 4 HOH 56 103 103 HOH WAT A . 
G 4 HOH 1  15  15  HOH WAT B . 
G 4 HOH 2  16  16  HOH WAT B . 
G 4 HOH 3  18  18  HOH WAT B . 
G 4 HOH 4  19  19  HOH WAT B . 
G 4 HOH 5  20  20  HOH WAT B . 
G 4 HOH 6  22  22  HOH WAT B . 
G 4 HOH 7  23  23  HOH WAT B . 
G 4 HOH 8  24  24  HOH WAT B . 
G 4 HOH 9  25  25  HOH WAT B . 
G 4 HOH 10 28  28  HOH WAT B . 
G 4 HOH 11 29  29  HOH WAT B . 
G 4 HOH 12 30  30  HOH WAT B . 
G 4 HOH 13 32  32  HOH WAT B . 
G 4 HOH 14 38  38  HOH WAT B . 
G 4 HOH 15 48  48  HOH WAT B . 
G 4 HOH 16 52  52  HOH WAT B . 
G 4 HOH 17 60  60  HOH WAT B . 
G 4 HOH 18 62  62  HOH WAT B . 
G 4 HOH 19 63  63  HOH WAT B . 
G 4 HOH 20 66  66  HOH WAT B . 
G 4 HOH 21 67  67  HOH WAT B . 
G 4 HOH 22 69  69  HOH WAT B . 
G 4 HOH 23 70  70  HOH WAT B . 
G 4 HOH 24 71  71  HOH WAT B . 
G 4 HOH 25 76  76  HOH WAT B . 
G 4 HOH 26 77  77  HOH WAT B . 
G 4 HOH 27 78  78  HOH WAT B . 
G 4 HOH 28 94  94  HOH WAT B . 
G 4 HOH 29 95  95  HOH WAT B . 
G 4 HOH 30 96  96  HOH WAT B . 
G 4 HOH 31 98  98  HOH WAT B . 
G 4 HOH 32 100 100 HOH WAT B . 
# 
loop_
_software.name 
_software.classification 
_software.version 
_software.citation_id 
_software.pdbx_ordinal 
DIFDAT 'data reduction' . ? 1 
X-PLOR 'model building' . ? 2 
SHELXL refinement       . ? 3 
X-PLOR phasing          . ? 4 
# 
_cell.entry_id           1DJ6 
_cell.length_a           17.93 
_cell.length_b           31.36 
_cell.length_c           44.62 
_cell.angle_alpha        90.0 
_cell.angle_beta         90.0 
_cell.angle_gamma        90.0 
_cell.Z_PDB              8 
_cell.pdbx_unique_axis   ? 
# 
_symmetry.entry_id                         1DJ6 
_symmetry.space_group_name_H-M             'P 21 21 21' 
_symmetry.pdbx_full_space_group_name_H-M   ? 
_symmetry.cell_setting                     orthorhombic 
_symmetry.Int_Tables_number                19 
_symmetry.space_group_name_Hall            ? 
# 
_exptl.entry_id          1DJ6 
_exptl.method            'X-RAY DIFFRACTION' 
_exptl.crystals_number   6 
# 
_exptl_crystal.id                    1 
_exptl_crystal.density_meas          ? 
_exptl_crystal.density_percent_sol   29.00 
_exptl_crystal.density_Matthews      1.73 
_exptl_crystal.description           ? 
_exptl_crystal.F_000                 ? 
_exptl_crystal.preparation           ? 
# 
_exptl_crystal_grow.crystal_id      1 
_exptl_crystal_grow.method          'VAPOR DIFFUSION, HANGING DROP' 
_exptl_crystal_grow.temp            283 
_exptl_crystal_grow.temp_details    ? 
_exptl_crystal_grow.pH              7.0 
_exptl_crystal_grow.pdbx_details    
;2MM AMMONIUM SALT OF D(CG)3, 10MM POLYAMINE PA(222) TETRACHLORIDE, 15MM MGCL2, 30MM SODIUM CACODYLATE BUFFER, pH 7.0, VAPOR DIFFUSION, HANGING DROP, temperature 283K
;
_exptl_crystal_grow.pdbx_pH_range   . 
# 
loop_
_exptl_crystal_grow_comp.crystal_id 
_exptl_crystal_grow_comp.id 
_exptl_crystal_grow_comp.sol_id 
_exptl_crystal_grow_comp.name 
_exptl_crystal_grow_comp.volume 
_exptl_crystal_grow_comp.conc 
_exptl_crystal_grow_comp.details 
1 1 1 MGCL2                             ? ? ? 
1 2 1 'SODIUM CACODYLATE BUFFER'        ? ? ? 
1 3 1 'POLYAMINE PA(222) TETRACHLORIDE' ? ? ? 
# 
_diffrn.id                     1 
_diffrn.ambient_temp           283.0 
_diffrn.ambient_temp_details   ? 
_diffrn.crystal_id             1 
# 
_diffrn_detector.diffrn_id              1 
_diffrn_detector.detector               DIFFRACTOMETER 
_diffrn_detector.type                   'NICOLET P3' 
_diffrn_detector.pdbx_collection_date   ? 
_diffrn_detector.details                ? 
# 
_diffrn_radiation.diffrn_id                        1 
_diffrn_radiation.wavelength_id                    1 
_diffrn_radiation.pdbx_monochromatic_or_laue_m_l   M 
_diffrn_radiation.monochromator                    ? 
_diffrn_radiation.pdbx_diffrn_protocol             'SINGLE WAVELENGTH' 
_diffrn_radiation.pdbx_scattering_type             x-ray 
# 
_diffrn_radiation_wavelength.id           1 
_diffrn_radiation_wavelength.wavelength   1.5418 
_diffrn_radiation_wavelength.wt           1.0 
# 
_diffrn_source.diffrn_id                   1 
_diffrn_source.source                      'SEALED TUBE' 
_diffrn_source.type                        OTHER 
_diffrn_source.pdbx_synchrotron_site       ? 
_diffrn_source.pdbx_synchrotron_beamline   ? 
_diffrn_source.pdbx_wavelength             1.5418 
_diffrn_source.pdbx_wavelength_list        ? 
# 
_reflns.entry_id                     1DJ6 
_reflns.observed_criterion_sigma_I   3.0 
_reflns.observed_criterion_sigma_F   ? 
_reflns.d_resolution_low             10.0 
_reflns.d_resolution_high            1.0 
_reflns.number_obs                   11212 
_reflns.number_all                   11627 
_reflns.percent_possible_obs         96.4 
_reflns.pdbx_Rmerge_I_obs            ? 
_reflns.pdbx_Rsym_value              ? 
_reflns.pdbx_netI_over_sigmaI        40000 
_reflns.B_iso_Wilson_estimate        5.7 
_reflns.pdbx_redundancy              0.07 
_reflns.R_free_details               ? 
_reflns.pdbx_chi_squared             ? 
_reflns.pdbx_scaling_rejects         ? 
_reflns.pdbx_diffrn_id               1 
_reflns.pdbx_ordinal                 1 
# 
_refine.entry_id                                 1DJ6 
_refine.ls_number_reflns_obs                     11212 
_refine.ls_number_reflns_all                     11627 
_refine.pdbx_ls_sigma_I                          3 
_refine.pdbx_ls_sigma_F                          ? 
_refine.pdbx_data_cutoff_high_absF               ? 
_refine.pdbx_data_cutoff_low_absF                ? 
_refine.pdbx_data_cutoff_high_rms_absF           ? 
_refine.ls_d_res_low                             10.0 
_refine.ls_d_res_high                            1.0 
_refine.ls_percent_reflns_obs                    96.4 
_refine.ls_R_factor_obs                          0.165 
_refine.ls_R_factor_all                          0.169 
_refine.ls_R_factor_R_work                       0.14 
_refine.ls_R_factor_R_free                       0.169 
_refine.ls_R_factor_R_free_error                 ? 
_refine.ls_R_factor_R_free_error_details         ? 
_refine.ls_percent_reflns_R_free                 ? 
_refine.ls_number_reflns_R_free                  ? 
_refine.ls_number_parameters                     ? 
_refine.ls_number_restraints                     ? 
_refine.occupancy_min                            ? 
_refine.occupancy_max                            ? 
_refine.B_iso_mean                               ? 
_refine.aniso_B[1][1]                            ? 
_refine.aniso_B[2][2]                            ? 
_refine.aniso_B[3][3]                            ? 
_refine.aniso_B[1][2]                            ? 
_refine.aniso_B[1][3]                            ? 
_refine.aniso_B[2][3]                            ? 
_refine.solvent_model_details                    ? 
_refine.solvent_model_param_ksol                 ? 
_refine.solvent_model_param_bsol                 ? 
_refine.pdbx_ls_cross_valid_method               THROUGHOUT 
_refine.details                                  ? 
_refine.pdbx_starting_model                      Z-DNA 
_refine.pdbx_method_to_determine_struct          ? 
_refine.pdbx_isotropic_thermal_model             ? 
_refine.pdbx_stereochemistry_target_values       ? 
_refine.pdbx_stereochem_target_val_spec_case     ? 
_refine.pdbx_R_Free_selection_details            RANDOM 
_refine.pdbx_overall_ESU_R                       ? 
_refine.pdbx_overall_ESU_R_Free                  ? 
_refine.overall_SU_ML                            ? 
_refine.overall_SU_B                             ? 
_refine.ls_redundancy_reflns_obs                 ? 
_refine.correlation_coeff_Fo_to_Fc               ? 
_refine.correlation_coeff_Fo_to_Fc_free          ? 
_refine.pdbx_solvent_vdw_probe_radii             ? 
_refine.pdbx_solvent_ion_probe_radii             ? 
_refine.pdbx_solvent_shrinkage_radii             ? 
_refine.overall_SU_R_Cruickshank_DPI             ? 
_refine.overall_SU_R_free                        ? 
_refine.ls_wR_factor_R_free                      ? 
_refine.ls_wR_factor_R_work                      ? 
_refine.overall_FOM_free_R_set                   ? 
_refine.overall_FOM_work_R_set                   ? 
_refine.pdbx_refine_id                           'X-RAY DIFFRACTION' 
_refine.pdbx_diffrn_id                           1 
_refine.pdbx_TLS_residual_ADP_flag               ? 
_refine.pdbx_overall_phase_error                 ? 
_refine.pdbx_overall_SU_R_free_Cruickshank_DPI   ? 
_refine.pdbx_overall_SU_R_Blow_DPI               ? 
_refine.pdbx_overall_SU_R_free_Blow_DPI          ? 
# 
_refine_hist.pdbx_refine_id                   'X-RAY DIFFRACTION' 
_refine_hist.cycle_id                         LAST 
_refine_hist.pdbx_number_atoms_protein        0 
_refine_hist.pdbx_number_atoms_nucleic_acid   240 
_refine_hist.pdbx_number_atoms_ligand         20 
_refine_hist.number_atoms_solvent             89 
_refine_hist.number_atoms_total               349 
_refine_hist.d_res_high                       1.0 
_refine_hist.d_res_low                        10.0 
# 
loop_
_refine_ls_restr.type 
_refine_ls_restr.dev_ideal 
_refine_ls_restr.dev_ideal_target 
_refine_ls_restr.weight 
_refine_ls_restr.number 
_refine_ls_restr.pdbx_refine_id 
_refine_ls_restr.pdbx_restraint_function 
s_bond_d               0.001 ? ? ? 'X-RAY DIFFRACTION' ? 
s_angle_d              0.01  ? ? ? 'X-RAY DIFFRACTION' ? 
s_similar_dist         ?     ? ? ? 'X-RAY DIFFRACTION' ? 
s_from_restr_planes    ?     ? ? ? 'X-RAY DIFFRACTION' ? 
s_zero_chiral_vol      ?     ? ? ? 'X-RAY DIFFRACTION' ? 
s_non_zero_chiral_vol  ?     ? ? ? 'X-RAY DIFFRACTION' ? 
s_anti_bump_dis_restr  ?     ? ? ? 'X-RAY DIFFRACTION' ? 
s_rigid_bond_adp_cmpnt ?     ? ? ? 'X-RAY DIFFRACTION' ? 
s_similar_adp_cmpnt    ?     ? ? ? 'X-RAY DIFFRACTION' ? 
s_approx_iso_adps      ?     ? ? ? 'X-RAY DIFFRACTION' ? 
# 
_struct.entry_id                  1DJ6 
_struct.title                     'COMPLEX OF A Z-DNA HEXAMER, D(CG)3, WITH SYNTHETIC POLYAMINE AT ROOM TEMPERATURE' 
_struct.pdbx_model_details        ? 
_struct.pdbx_CASP_flag            ? 
_struct.pdbx_model_type_details   ? 
# 
_struct_keywords.entry_id        1DJ6 
_struct_keywords.pdbx_keywords   DNA 
_struct_keywords.text            
'Z-DNA:POLYAMINE COMPLEX, X-RAY CRYSTAL STRUCTURE, POLYAMINE BINDING IN MINOR GROOVE OF Z-DNA, DNA' 
# 
loop_
_struct_asym.id 
_struct_asym.pdbx_blank_PDB_chainid_flag 
_struct_asym.pdbx_modified 
_struct_asym.entity_id 
_struct_asym.details 
A N N 1 ? 
B N N 1 ? 
C N N 2 ? 
D N N 3 ? 
E N N 3 ? 
F N N 4 ? 
G N N 4 ? 
# 
_struct_ref.id                         1 
_struct_ref.entity_id                  1 
_struct_ref.db_name                    PDB 
_struct_ref.db_code                    1DJ6 
_struct_ref.pdbx_db_accession          1DJ6 
_struct_ref.pdbx_db_isoform            ? 
_struct_ref.pdbx_seq_one_letter_code   ? 
_struct_ref.pdbx_align_begin           ? 
# 
loop_
_struct_ref_seq.align_id 
_struct_ref_seq.ref_id 
_struct_ref_seq.pdbx_PDB_id_code 
_struct_ref_seq.pdbx_strand_id 
_struct_ref_seq.seq_align_beg 
_struct_ref_seq.pdbx_seq_align_beg_ins_code 
_struct_ref_seq.seq_align_end 
_struct_ref_seq.pdbx_seq_align_end_ins_code 
_struct_ref_seq.pdbx_db_accession 
_struct_ref_seq.db_align_beg 
_struct_ref_seq.pdbx_db_align_beg_ins_code 
_struct_ref_seq.db_align_end 
_struct_ref_seq.pdbx_db_align_end_ins_code 
_struct_ref_seq.pdbx_auth_seq_align_beg 
_struct_ref_seq.pdbx_auth_seq_align_end 
1 1 1DJ6 A 1 ? 6 ? 1DJ6 1 ? 6  ? 1 6  
2 1 1DJ6 B 1 ? 6 ? 1DJ6 7 ? 12 ? 7 12 
# 
_pdbx_struct_assembly.id                   1 
_pdbx_struct_assembly.details              author_defined_assembly 
_pdbx_struct_assembly.method_details       ? 
_pdbx_struct_assembly.oligomeric_details   dimeric 
_pdbx_struct_assembly.oligomeric_count     2 
# 
_pdbx_struct_assembly_gen.assembly_id       1 
_pdbx_struct_assembly_gen.oper_expression   1 
_pdbx_struct_assembly_gen.asym_id_list      A,B,C,D,E,F,G 
# 
_pdbx_struct_oper_list.id                   1 
_pdbx_struct_oper_list.type                 'identity operation' 
_pdbx_struct_oper_list.name                 1_555 
_pdbx_struct_oper_list.symmetry_operation   x,y,z 
_pdbx_struct_oper_list.matrix[1][1]         1.0000000000 
_pdbx_struct_oper_list.matrix[1][2]         0.0000000000 
_pdbx_struct_oper_list.matrix[1][3]         0.0000000000 
_pdbx_struct_oper_list.vector[1]            0.0000000000 
_pdbx_struct_oper_list.matrix[2][1]         0.0000000000 
_pdbx_struct_oper_list.matrix[2][2]         1.0000000000 
_pdbx_struct_oper_list.matrix[2][3]         0.0000000000 
_pdbx_struct_oper_list.vector[2]            0.0000000000 
_pdbx_struct_oper_list.matrix[3][1]         0.0000000000 
_pdbx_struct_oper_list.matrix[3][2]         0.0000000000 
_pdbx_struct_oper_list.matrix[3][3]         1.0000000000 
_pdbx_struct_oper_list.vector[3]            0.0000000000 
# 
_struct_biol.id                    1 
_struct_biol.pdbx_parent_biol_id   ? 
_struct_biol.details               ? 
# 
loop_
_struct_conn.id 
_struct_conn.conn_type_id 
_struct_conn.pdbx_leaving_atom_flag 
_struct_conn.pdbx_PDB_id 
_struct_conn.ptnr1_label_asym_id 
_struct_conn.ptnr1_label_comp_id 
_struct_conn.ptnr1_label_seq_id 
_struct_conn.ptnr1_label_atom_id 
_struct_conn.pdbx_ptnr1_label_alt_id 
_struct_conn.pdbx_ptnr1_PDB_ins_code 
_struct_conn.pdbx_ptnr1_standard_comp_id 
_struct_conn.ptnr1_symmetry 
_struct_conn.ptnr2_label_asym_id 
_struct_conn.ptnr2_label_comp_id 
_struct_conn.ptnr2_label_seq_id 
_struct_conn.ptnr2_label_atom_id 
_struct_conn.pdbx_ptnr2_label_alt_id 
_struct_conn.pdbx_ptnr2_PDB_ins_code 
_struct_conn.ptnr1_auth_asym_id 
_struct_conn.ptnr1_auth_comp_id 
_struct_conn.ptnr1_auth_seq_id 
_struct_conn.ptnr2_auth_asym_id 
_struct_conn.ptnr2_auth_comp_id 
_struct_conn.ptnr2_auth_seq_id 
_struct_conn.ptnr2_symmetry 
_struct_conn.pdbx_ptnr3_label_atom_id 
_struct_conn.pdbx_ptnr3_label_seq_id 
_struct_conn.pdbx_ptnr3_label_comp_id 
_struct_conn.pdbx_ptnr3_label_asym_id 
_struct_conn.pdbx_ptnr3_label_alt_id 
_struct_conn.pdbx_ptnr3_PDB_ins_code 
_struct_conn.details 
_struct_conn.pdbx_dist_value 
_struct_conn.pdbx_value_order 
_struct_conn.pdbx_role 
metalc1  metalc ? ? A DC  3 OP2 ? ? ? 4_465 C MG . MG ? ? A DC  3  A MG 104 1_555 ? ? ? ? ? ? ?            2.703 ? ? 
metalc2  metalc ? ? F HOH . O   ? ? ? 4_465 C MG . MG ? ? A HOH 51 A MG 104 1_555 ? ? ? ? ? ? ?            2.960 ? ? 
metalc3  metalc ? ? F HOH . O   ? ? ? 1_555 C MG . MG ? ? A HOH 82 A MG 104 1_555 ? ? ? ? ? ? ?            2.576 ? ? 
metalc4  metalc ? ? F HOH . O   ? ? ? 4_465 C MG . MG ? ? A HOH 84 A MG 104 1_555 ? ? ? ? ? ? ?            2.636 ? ? 
hydrog1  hydrog ? ? A DC  1 N3  ? ? ? 1_555 B DG 6 N1 ? ? A DC  1  B DG 12  1_555 ? ? ? ? ? ? WATSON-CRICK ?     ? ? 
hydrog2  hydrog ? ? A DC  1 N4  ? ? ? 1_555 B DG 6 O6 ? ? A DC  1  B DG 12  1_555 ? ? ? ? ? ? WATSON-CRICK ?     ? ? 
hydrog3  hydrog ? ? A DC  1 O2  ? ? ? 1_555 B DG 6 N2 ? ? A DC  1  B DG 12  1_555 ? ? ? ? ? ? WATSON-CRICK ?     ? ? 
hydrog4  hydrog ? ? A DG  2 N1  ? ? ? 1_555 B DC 5 N3 ? ? A DG  2  B DC 11  1_555 ? ? ? ? ? ? WATSON-CRICK ?     ? ? 
hydrog5  hydrog ? ? A DG  2 N2  ? ? ? 1_555 B DC 5 O2 ? ? A DG  2  B DC 11  1_555 ? ? ? ? ? ? WATSON-CRICK ?     ? ? 
hydrog6  hydrog ? ? A DG  2 O6  ? ? ? 1_555 B DC 5 N4 ? ? A DG  2  B DC 11  1_555 ? ? ? ? ? ? WATSON-CRICK ?     ? ? 
hydrog7  hydrog ? ? A DC  3 N3  ? ? ? 1_555 B DG 4 N1 ? ? A DC  3  B DG 10  1_555 ? ? ? ? ? ? WATSON-CRICK ?     ? ? 
hydrog8  hydrog ? ? A DC  3 N4  ? ? ? 1_555 B DG 4 O6 ? ? A DC  3  B DG 10  1_555 ? ? ? ? ? ? WATSON-CRICK ?     ? ? 
hydrog9  hydrog ? ? A DC  3 O2  ? ? ? 1_555 B DG 4 N2 ? ? A DC  3  B DG 10  1_555 ? ? ? ? ? ? WATSON-CRICK ?     ? ? 
hydrog10 hydrog ? ? A DG  4 N1  ? ? ? 1_555 B DC 3 N3 ? ? A DG  4  B DC 9   1_555 ? ? ? ? ? ? WATSON-CRICK ?     ? ? 
hydrog11 hydrog ? ? A DG  4 N2  ? ? ? 1_555 B DC 3 O2 ? ? A DG  4  B DC 9   1_555 ? ? ? ? ? ? WATSON-CRICK ?     ? ? 
hydrog12 hydrog ? ? A DG  4 O6  ? ? ? 1_555 B DC 3 N4 ? ? A DG  4  B DC 9   1_555 ? ? ? ? ? ? WATSON-CRICK ?     ? ? 
hydrog13 hydrog ? ? A DC  5 N3  ? ? ? 1_555 B DG 2 N1 ? ? A DC  5  B DG 8   1_555 ? ? ? ? ? ? WATSON-CRICK ?     ? ? 
hydrog14 hydrog ? ? A DC  5 N4  ? ? ? 1_555 B DG 2 O6 ? ? A DC  5  B DG 8   1_555 ? ? ? ? ? ? WATSON-CRICK ?     ? ? 
hydrog15 hydrog ? ? A DC  5 O2  ? ? ? 1_555 B DG 2 N2 ? ? A DC  5  B DG 8   1_555 ? ? ? ? ? ? WATSON-CRICK ?     ? ? 
hydrog16 hydrog ? ? A DG  6 N1  ? ? ? 1_555 B DC 1 N3 ? ? A DG  6  B DC 7   1_555 ? ? ? ? ? ? WATSON-CRICK ?     ? ? 
hydrog17 hydrog ? ? A DG  6 N2  ? ? ? 1_555 B DC 1 O2 ? ? A DG  6  B DC 7   1_555 ? ? ? ? ? ? WATSON-CRICK ?     ? ? 
hydrog18 hydrog ? ? A DG  6 O6  ? ? ? 1_555 B DC 1 N4 ? ? A DG  6  B DC 7   1_555 ? ? ? ? ? ? WATSON-CRICK ?     ? ? 
# 
loop_
_struct_conn_type.id 
_struct_conn_type.criteria 
_struct_conn_type.reference 
metalc ? ? 
hydrog ? ? 
# 
loop_
_pdbx_struct_conn_angle.id 
_pdbx_struct_conn_angle.ptnr1_label_atom_id 
_pdbx_struct_conn_angle.ptnr1_label_alt_id 
_pdbx_struct_conn_angle.ptnr1_label_asym_id 
_pdbx_struct_conn_angle.ptnr1_label_comp_id 
_pdbx_struct_conn_angle.ptnr1_label_seq_id 
_pdbx_struct_conn_angle.ptnr1_auth_atom_id 
_pdbx_struct_conn_angle.ptnr1_auth_asym_id 
_pdbx_struct_conn_angle.ptnr1_auth_comp_id 
_pdbx_struct_conn_angle.ptnr1_auth_seq_id 
_pdbx_struct_conn_angle.ptnr1_PDB_ins_code 
_pdbx_struct_conn_angle.ptnr1_symmetry 
_pdbx_struct_conn_angle.ptnr2_label_atom_id 
_pdbx_struct_conn_angle.ptnr2_label_alt_id 
_pdbx_struct_conn_angle.ptnr2_label_asym_id 
_pdbx_struct_conn_angle.ptnr2_label_comp_id 
_pdbx_struct_conn_angle.ptnr2_label_seq_id 
_pdbx_struct_conn_angle.ptnr2_auth_atom_id 
_pdbx_struct_conn_angle.ptnr2_auth_asym_id 
_pdbx_struct_conn_angle.ptnr2_auth_comp_id 
_pdbx_struct_conn_angle.ptnr2_auth_seq_id 
_pdbx_struct_conn_angle.ptnr2_PDB_ins_code 
_pdbx_struct_conn_angle.ptnr2_symmetry 
_pdbx_struct_conn_angle.ptnr3_label_atom_id 
_pdbx_struct_conn_angle.ptnr3_label_alt_id 
_pdbx_struct_conn_angle.ptnr3_label_asym_id 
_pdbx_struct_conn_angle.ptnr3_label_comp_id 
_pdbx_struct_conn_angle.ptnr3_label_seq_id 
_pdbx_struct_conn_angle.ptnr3_auth_atom_id 
_pdbx_struct_conn_angle.ptnr3_auth_asym_id 
_pdbx_struct_conn_angle.ptnr3_auth_comp_id 
_pdbx_struct_conn_angle.ptnr3_auth_seq_id 
_pdbx_struct_conn_angle.ptnr3_PDB_ins_code 
_pdbx_struct_conn_angle.ptnr3_symmetry 
_pdbx_struct_conn_angle.value 
_pdbx_struct_conn_angle.value_esd 
1 OP2 ? A DC  3 ? A DC  3  ? 4_465 MG ? C MG . ? A MG 104 ? 1_555 O ? F HOH . ? A HOH 51 ? 4_465 91.5  ? 
2 OP2 ? A DC  3 ? A DC  3  ? 4_465 MG ? C MG . ? A MG 104 ? 1_555 O ? F HOH . ? A HOH 82 ? 1_555 121.3 ? 
3 O   ? F HOH . ? A HOH 51 ? 4_465 MG ? C MG . ? A MG 104 ? 1_555 O ? F HOH . ? A HOH 82 ? 1_555 131.9 ? 
4 OP2 ? A DC  3 ? A DC  3  ? 4_465 MG ? C MG . ? A MG 104 ? 1_555 O ? F HOH . ? A HOH 84 ? 4_465 139.4 ? 
5 O   ? F HOH . ? A HOH 51 ? 4_465 MG ? C MG . ? A MG 104 ? 1_555 O ? F HOH . ? A HOH 84 ? 4_465 69.0  ? 
6 O   ? F HOH . ? A HOH 82 ? 1_555 MG ? C MG . ? A MG 104 ? 1_555 O ? F HOH . ? A HOH 84 ? 4_465 97.0  ? 
# 
loop_
_struct_site.id 
_struct_site.pdbx_evidence_code 
_struct_site.pdbx_auth_asym_id 
_struct_site.pdbx_auth_comp_id 
_struct_site.pdbx_auth_seq_id 
_struct_site.pdbx_auth_ins_code 
_struct_site.pdbx_num_residues 
_struct_site.details 
AC1 Software A MG  104 ? 4  'BINDING SITE FOR RESIDUE MG A 104' 
AC2 Software A 104 13  ? 12 'BINDING SITE FOR RESIDUE 104 A 13' 
AC3 Software B 104 14  ? 15 'BINDING SITE FOR RESIDUE 104 B 14' 
# 
loop_
_struct_site_gen.id 
_struct_site_gen.site_id 
_struct_site_gen.pdbx_num_res 
_struct_site_gen.label_comp_id 
_struct_site_gen.label_asym_id 
_struct_site_gen.label_seq_id 
_struct_site_gen.pdbx_auth_ins_code 
_struct_site_gen.auth_comp_id 
_struct_site_gen.auth_asym_id 
_struct_site_gen.auth_seq_id 
_struct_site_gen.label_atom_id 
_struct_site_gen.label_alt_id 
_struct_site_gen.symmetry 
_struct_site_gen.details 
1  AC1 4  DC  A 3 ? DC  A 3   . ? 4_465 ? 
2  AC1 4  HOH F . ? HOH A 51  . ? 4_465 ? 
3  AC1 4  HOH F . ? HOH A 82  . ? 1_555 ? 
4  AC1 4  HOH F . ? HOH A 84  . ? 4_465 ? 
5  AC2 12 DC  A 3 ? DC  A 3   . ? 1_555 ? 
6  AC2 12 DG  A 4 ? DG  A 4   . ? 1_555 ? 
7  AC2 12 DC  A 5 ? DC  A 5   . ? 1_555 ? 
8  AC2 12 DG  A 6 ? DG  A 6   . ? 1_555 ? 
9  AC2 12 HOH F . ? HOH A 72  . ? 1_555 ? 
10 AC2 12 HOH F . ? HOH A 79  . ? 1_655 ? 
11 AC2 12 HOH F . ? HOH A 81  . ? 1_555 ? 
12 AC2 12 HOH F . ? HOH A 90  . ? 1_655 ? 
13 AC2 12 HOH F . ? HOH A 101 . ? 3_645 ? 
14 AC2 12 DC  B 3 ? DC  B 9   . ? 1_555 ? 
15 AC2 12 HOH G . ? HOH B 15  . ? 1_555 ? 
16 AC2 12 HOH G . ? HOH B 22  . ? 1_655 ? 
17 AC3 15 DC  A 5 ? DC  A 5   . ? 3_645 ? 
18 AC3 15 DG  A 6 ? DG  A 6   . ? 3_645 ? 
19 AC3 15 DC  B 1 ? DC  B 7   . ? 3_645 ? 
20 AC3 15 DG  B 2 ? DG  B 8   . ? 1_555 ? 
21 AC3 15 DG  B 6 ? DG  B 12  . ? 4_455 ? 
22 AC3 15 HOH G . ? HOH B 19  . ? 3_645 ? 
23 AC3 15 HOH G . ? HOH B 20  . ? 1_555 ? 
24 AC3 15 HOH G . ? HOH B 24  . ? 1_555 ? 
25 AC3 15 HOH G . ? HOH B 25  . ? 1_555 ? 
26 AC3 15 HOH G . ? HOH B 30  . ? 1_555 ? 
27 AC3 15 HOH G . ? HOH B 69  . ? 1_555 ? 
28 AC3 15 HOH G . ? HOH B 70  . ? 1_555 ? 
29 AC3 15 HOH G . ? HOH B 77  . ? 1_555 ? 
30 AC3 15 HOH G . ? HOH B 78  . ? 1_555 ? 
31 AC3 15 HOH G . ? HOH B 95  . ? 1_555 ? 
# 
loop_
_pdbx_validate_close_contact.id 
_pdbx_validate_close_contact.PDB_model_num 
_pdbx_validate_close_contact.auth_atom_id_1 
_pdbx_validate_close_contact.auth_asym_id_1 
_pdbx_validate_close_contact.auth_comp_id_1 
_pdbx_validate_close_contact.auth_seq_id_1 
_pdbx_validate_close_contact.PDB_ins_code_1 
_pdbx_validate_close_contact.label_alt_id_1 
_pdbx_validate_close_contact.auth_atom_id_2 
_pdbx_validate_close_contact.auth_asym_id_2 
_pdbx_validate_close_contact.auth_comp_id_2 
_pdbx_validate_close_contact.auth_seq_id_2 
_pdbx_validate_close_contact.PDB_ins_code_2 
_pdbx_validate_close_contact.label_alt_id_2 
_pdbx_validate_close_contact.dist 
1  1 O     A HOH 65  ? ? O A HOH 83  ? ? 1.31 
2  1 O     A HOH 55  ? ? O B HOH 62  ? ? 1.49 
3  1 O     A HOH 61  ? ? O A HOH 73  ? ? 1.54 
4  1 O     A HOH 26  ? ? O A HOH 44  ? ? 1.81 
5  1 C5    A 104 13  ? ? O B HOH 15  ? ? 1.84 
6  1 "C2'" A DG  2   ? ? O A HOH 87  ? ? 1.94 
7  1 O     A HOH 35  ? ? O A HOH 36  ? ? 1.96 
8  1 O     B HOH 29  ? ? O B HOH 95  ? ? 2.05 
9  1 N1    A 104 13  ? ? O A HOH 81  ? ? 2.07 
10 1 O     A HOH 41  ? ? O A HOH 92  ? ? 2.14 
11 1 N1    B 104 14  ? ? O B HOH 20  ? ? 2.16 
12 1 N1    B 104 14  ? ? O B HOH 70  ? ? 2.17 
13 1 O     A HOH 102 ? ? O A HOH 103 ? ? 2.18 
14 1 O     A HOH 79  ? ? O A HOH 93  ? ? 2.19 
# 
loop_
_pdbx_validate_symm_contact.id 
_pdbx_validate_symm_contact.PDB_model_num 
_pdbx_validate_symm_contact.auth_atom_id_1 
_pdbx_validate_symm_contact.auth_asym_id_1 
_pdbx_validate_symm_contact.auth_comp_id_1 
_pdbx_validate_symm_contact.auth_seq_id_1 
_pdbx_validate_symm_contact.PDB_ins_code_1 
_pdbx_validate_symm_contact.label_alt_id_1 
_pdbx_validate_symm_contact.site_symmetry_1 
_pdbx_validate_symm_contact.auth_atom_id_2 
_pdbx_validate_symm_contact.auth_asym_id_2 
_pdbx_validate_symm_contact.auth_comp_id_2 
_pdbx_validate_symm_contact.auth_seq_id_2 
_pdbx_validate_symm_contact.PDB_ins_code_2 
_pdbx_validate_symm_contact.label_alt_id_2 
_pdbx_validate_symm_contact.site_symmetry_2 
_pdbx_validate_symm_contact.dist 
1 1 O  A HOH 99 ? ? 1_555 O  B HOH 94  ? ? 3_655 1.46 
2 1 O  A HOH 99 ? ? 1_555 O  B HOH 100 ? ? 3_655 1.53 
3 1 O  A HOH 35 ? ? 1_555 O  A HOH 75  ? ? 4_465 1.75 
4 1 O  A HOH 33 ? ? 1_555 O  B HOH 32  ? ? 2_564 1.86 
5 1 O  A HOH 59 ? ? 1_555 O  A HOH 64  ? ? 4_565 1.88 
6 1 N7 A DG  6  ? ? 1_555 N1 B 104 14  ? ? 3_655 2.13 
# 
loop_
_pdbx_validate_rmsd_bond.id 
_pdbx_validate_rmsd_bond.PDB_model_num 
_pdbx_validate_rmsd_bond.auth_atom_id_1 
_pdbx_validate_rmsd_bond.auth_asym_id_1 
_pdbx_validate_rmsd_bond.auth_comp_id_1 
_pdbx_validate_rmsd_bond.auth_seq_id_1 
_pdbx_validate_rmsd_bond.PDB_ins_code_1 
_pdbx_validate_rmsd_bond.label_alt_id_1 
_pdbx_validate_rmsd_bond.auth_atom_id_2 
_pdbx_validate_rmsd_bond.auth_asym_id_2 
_pdbx_validate_rmsd_bond.auth_comp_id_2 
_pdbx_validate_rmsd_bond.auth_seq_id_2 
_pdbx_validate_rmsd_bond.PDB_ins_code_2 
_pdbx_validate_rmsd_bond.label_alt_id_2 
_pdbx_validate_rmsd_bond.bond_value 
_pdbx_validate_rmsd_bond.bond_target_value 
_pdbx_validate_rmsd_bond.bond_deviation 
_pdbx_validate_rmsd_bond.bond_standard_deviation 
_pdbx_validate_rmsd_bond.linker_flag 
1   1 "O5'" A DC 1  ? ? "C5'" A DC 1  ? ? 1.588 1.440 0.148  0.016 N 
2   1 "C3'" A DC 1  ? ? "C2'" A DC 1  ? ? 1.601 1.518 0.083  0.012 N 
3   1 "C2'" A DC 1  ? ? "C1'" A DC 1  ? ? 1.591 1.519 0.072  0.010 N 
4   1 "O3'" A DC 1  ? ? "C3'" A DC 1  ? ? 1.516 1.435 0.081  0.013 N 
5   1 "C1'" A DC 1  ? ? N1    A DC 1  ? ? 1.607 1.488 0.119  0.013 N 
6   1 C4    A DC 1  ? ? N4    A DC 1  ? ? 1.279 1.335 -0.056 0.009 N 
7   1 C4    A DC 1  ? ? C5    A DC 1  ? ? 1.513 1.425 0.088  0.008 N 
8   1 C5    A DC 1  ? ? C6    A DC 1  ? ? 1.205 1.339 -0.134 0.008 N 
9   1 "O5'" A DG 2  ? ? "C5'" A DG 2  ? ? 1.564 1.440 0.124  0.016 N 
10  1 "C5'" A DG 2  ? ? "C4'" A DG 2  ? ? 1.429 1.509 -0.080 0.011 N 
11  1 "C4'" A DG 2  ? ? "C3'" A DG 2  ? ? 1.605 1.529 0.076  0.010 N 
12  1 "C3'" A DG 2  ? ? "C2'" A DG 2  ? ? 1.681 1.518 0.163  0.012 N 
13  1 "C2'" A DG 2  ? ? "C1'" A DG 2  ? ? 1.431 1.518 -0.087 0.010 N 
14  1 "O4'" A DG 2  ? ? "C1'" A DG 2  ? ? 1.645 1.420 0.225  0.011 N 
15  1 C2    A DG 2  ? ? N3    A DG 2  ? ? 1.496 1.323 0.173  0.008 N 
16  1 N3    A DG 2  ? ? C4    A DG 2  ? ? 1.275 1.350 -0.075 0.007 N 
17  1 C4    A DG 2  ? ? C5    A DG 2  ? ? 1.473 1.379 0.094  0.007 N 
18  1 C6    A DG 2  ? ? N1    A DG 2  ? ? 1.318 1.391 -0.073 0.007 N 
19  1 C5    A DG 2  ? ? N7    A DG 2  ? ? 1.329 1.388 -0.059 0.006 N 
20  1 N9    A DG 2  ? ? C4    A DG 2  ? ? 1.520 1.375 0.145  0.008 N 
21  1 "C2'" A DC 3  ? ? "C1'" A DC 3  ? ? 1.621 1.519 0.102  0.010 N 
22  1 "O4'" A DC 3  ? ? "C4'" A DC 3  ? ? 1.538 1.449 0.089  0.009 N 
23  1 "C1'" A DC 3  ? ? N1    A DC 3  ? ? 1.618 1.488 0.130  0.013 N 
24  1 C2    A DC 3  ? ? O2    A DC 3  ? ? 1.350 1.240 0.110  0.009 N 
25  1 C4    A DC 3  ? ? N4    A DC 3  ? ? 1.432 1.335 0.097  0.009 N 
26  1 N1    A DC 3  ? ? C6    A DC 3  ? ? 1.299 1.367 -0.068 0.006 N 
27  1 C2    A DC 3  ? ? N3    A DC 3  ? ? 1.288 1.353 -0.065 0.008 N 
28  1 N3    A DC 3  ? ? C4    A DC 3  ? ? 1.289 1.335 -0.046 0.007 N 
29  1 "C5'" A DG 4  ? ? "C4'" A DG 4  ? ? 1.605 1.512 0.093  0.007 N 
30  1 "C4'" A DG 4  ? ? "C3'" A DG 4  ? ? 1.642 1.529 0.113  0.010 N 
31  1 "C3'" A DG 4  ? ? "C2'" A DG 4  ? ? 1.428 1.516 -0.088 0.008 N 
32  1 "C2'" A DG 4  ? ? "C1'" A DG 4  ? ? 1.624 1.519 0.105  0.010 N 
33  1 "O4'" A DG 4  ? ? "C1'" A DG 4  ? ? 1.492 1.420 0.072  0.011 N 
34  1 C2    A DG 4  ? ? N3    A DG 4  ? ? 1.265 1.323 -0.058 0.008 N 
35  1 C5    A DG 4  ? ? C6    A DG 4  ? ? 1.158 1.419 -0.261 0.010 N 
36  1 C6    A DG 4  ? ? N1    A DG 4  ? ? 1.587 1.391 0.196  0.007 N 
37  1 N7    A DG 4  ? ? C8    A DG 4  ? ? 1.257 1.305 -0.048 0.006 N 
38  1 C6    A DG 4  ? ? O6    A DG 4  ? ? 1.387 1.237 0.150  0.009 N 
39  1 C2    A DC 5  ? ? O2    A DC 5  ? ? 1.177 1.240 -0.063 0.009 N 
40  1 C4    A DC 5  ? ? N4    A DC 5  ? ? 1.400 1.335 0.065  0.009 N 
41  1 N1    A DC 5  ? ? C2    A DC 5  ? ? 1.477 1.397 0.080  0.010 N 
42  1 N1    A DC 5  ? ? C6    A DC 5  ? ? 1.419 1.367 0.052  0.006 N 
43  1 C2    A DC 5  ? ? N3    A DC 5  ? ? 1.301 1.353 -0.052 0.008 N 
44  1 C5    A DC 5  ? ? C6    A DC 5  ? ? 1.487 1.339 0.148  0.008 N 
45  1 "C2'" A DG 6  ? ? "C1'" A DG 6  ? ? 1.617 1.519 0.098  0.010 N 
46  1 "C1'" A DG 6  ? ? N9    A DG 6  ? ? 1.331 1.468 -0.137 0.014 N 
47  1 N1    A DG 6  ? ? C2    A DG 6  ? ? 1.484 1.373 0.111  0.008 N 
48  1 C4    A DG 6  ? ? C5    A DG 6  ? ? 1.479 1.379 0.100  0.007 N 
49  1 C5    A DG 6  ? ? C6    A DG 6  ? ? 1.358 1.419 -0.061 0.010 N 
50  1 C5    A DG 6  ? ? N7    A DG 6  ? ? 1.456 1.388 0.068  0.006 N 
51  1 N7    A DG 6  ? ? C8    A DG 6  ? ? 1.439 1.305 0.134  0.006 N 
52  1 "O5'" B DC 7  ? ? "C5'" B DC 7  ? ? 1.604 1.440 0.164  0.016 N 
53  1 "C5'" B DC 7  ? ? "C4'" B DC 7  ? ? 1.435 1.509 -0.074 0.011 N 
54  1 "O4'" B DC 7  ? ? "C4'" B DC 7  ? ? 1.304 1.446 -0.142 0.010 N 
55  1 C4    B DC 7  ? ? N4    B DC 7  ? ? 1.177 1.335 -0.158 0.009 N 
56  1 N1    B DC 7  ? ? C6    B DC 7  ? ? 1.502 1.367 0.135  0.006 N 
57  1 N3    B DC 7  ? ? C4    B DC 7  ? ? 1.415 1.335 0.080  0.007 N 
58  1 C4    B DC 7  ? ? C5    B DC 7  ? ? 1.348 1.425 -0.077 0.008 N 
59  1 "C3'" B DG 8  ? ? "C2'" B DG 8  ? ? 1.704 1.518 0.186  0.012 N 
60  1 N3    B DG 8  ? ? C4    B DG 8  ? ? 1.392 1.350 0.042  0.007 N 
61  1 C5    B DG 8  ? ? C6    B DG 8  ? ? 1.554 1.419 0.135  0.010 N 
62  1 C6    B DG 8  ? ? N1    B DG 8  ? ? 1.459 1.391 0.068  0.007 N 
63  1 C5    B DG 8  ? ? N7    B DG 8  ? ? 1.317 1.388 -0.071 0.006 N 
64  1 N7    B DG 8  ? ? C8    B DG 8  ? ? 1.421 1.305 0.116  0.006 N 
65  1 C6    B DG 8  ? ? O6    B DG 8  ? ? 1.129 1.237 -0.108 0.009 N 
66  1 "C4'" B DC 9  ? ? "C3'" B DC 9  ? ? 1.460 1.521 -0.061 0.010 N 
67  1 "C3'" B DC 9  ? ? "C2'" B DC 9  ? ? 1.623 1.518 0.105  0.012 N 
68  1 "O4'" B DC 9  ? ? "C4'" B DC 9  ? ? 1.368 1.446 -0.078 0.010 N 
69  1 "C1'" B DC 9  ? ? N1    B DC 9  ? ? 1.597 1.488 0.109  0.013 N 
70  1 N1    B DC 9  ? ? C6    B DC 9  ? ? 1.447 1.367 0.080  0.006 N 
71  1 C4    B DC 9  ? ? C5    B DC 9  ? ? 1.494 1.425 0.069  0.008 N 
72  1 "O5'" B DG 10 ? ? "C5'" B DG 10 ? ? 1.552 1.440 0.112  0.016 N 
73  1 "C4'" B DG 10 ? ? "C3'" B DG 10 ? ? 1.592 1.529 0.063  0.010 N 
74  1 "C3'" B DG 10 ? ? "C2'" B DG 10 ? ? 1.383 1.516 -0.133 0.008 N 
75  1 "C2'" B DG 10 ? ? "C1'" B DG 10 ? ? 1.675 1.519 0.156  0.010 N 
76  1 "O4'" B DG 10 ? ? "C4'" B DG 10 ? ? 1.337 1.446 -0.109 0.010 N 
77  1 "O3'" B DG 10 ? ? "C3'" B DG 10 ? ? 1.542 1.435 0.107  0.013 N 
78  1 "C1'" B DG 10 ? ? N9    B DG 10 ? ? 1.620 1.488 0.132  0.013 N 
79  1 C2    B DG 10 ? ? N3    B DG 10 ? ? 1.275 1.323 -0.048 0.008 N 
80  1 N3    B DG 10 ? ? C4    B DG 10 ? ? 1.307 1.350 -0.043 0.007 N 
81  1 C5    B DG 10 ? ? N7    B DG 10 ? ? 1.338 1.388 -0.050 0.006 N 
82  1 N7    B DG 10 ? ? C8    B DG 10 ? ? 1.264 1.305 -0.041 0.006 N 
83  1 C8    B DG 10 ? ? N9    B DG 10 ? ? 1.283 1.374 -0.091 0.007 N 
84  1 N9    B DG 10 ? ? C4    B DG 10 ? ? 1.267 1.375 -0.108 0.008 N 
85  1 "C5'" B DC 11 ? ? "C4'" B DC 11 ? ? 1.341 1.509 -0.168 0.011 N 
86  1 "C4'" B DC 11 ? ? "C3'" B DC 11 ? ? 1.821 1.529 0.292  0.010 N 
87  1 "C3'" B DC 11 ? ? "C2'" B DC 11 ? ? 1.665 1.518 0.147  0.012 N 
88  1 "C2'" B DC 11 ? ? "C1'" B DC 11 ? ? 1.582 1.519 0.063  0.010 N 
89  1 "O4'" B DC 11 ? ? "C4'" B DC 11 ? ? 1.341 1.446 -0.105 0.010 N 
90  1 C4    B DC 11 ? ? N4    B DC 11 ? ? 1.196 1.335 -0.139 0.009 N 
91  1 N1    B DC 11 ? ? C6    B DC 11 ? ? 1.288 1.367 -0.079 0.006 N 
92  1 C2    B DC 11 ? ? N3    B DC 11 ? ? 1.459 1.353 0.106  0.008 N 
93  1 N3    B DC 11 ? ? C4    B DC 11 ? ? 1.449 1.335 0.114  0.007 N 
94  1 C4    B DC 11 ? ? C5    B DC 11 ? ? 1.518 1.425 0.093  0.008 N 
95  1 P     B DG 12 ? ? "O5'" B DG 12 ? ? 1.532 1.593 -0.061 0.010 N 
96  1 "C4'" B DG 12 ? ? "C3'" B DG 12 ? ? 1.647 1.529 0.118  0.010 N 
97  1 "C2'" B DG 12 ? ? "C1'" B DG 12 ? ? 1.595 1.519 0.076  0.010 N 
98  1 N3    B DG 12 ? ? C4    B DG 12 ? ? 1.248 1.350 -0.102 0.007 N 
99  1 N7    B DG 12 ? ? C8    B DG 12 ? ? 1.262 1.305 -0.043 0.006 N 
100 1 N9    B DG 12 ? ? C4    B DG 12 ? ? 1.442 1.375 0.067  0.008 N 
# 
loop_
_pdbx_validate_rmsd_angle.id 
_pdbx_validate_rmsd_angle.PDB_model_num 
_pdbx_validate_rmsd_angle.auth_atom_id_1 
_pdbx_validate_rmsd_angle.auth_asym_id_1 
_pdbx_validate_rmsd_angle.auth_comp_id_1 
_pdbx_validate_rmsd_angle.auth_seq_id_1 
_pdbx_validate_rmsd_angle.PDB_ins_code_1 
_pdbx_validate_rmsd_angle.label_alt_id_1 
_pdbx_validate_rmsd_angle.auth_atom_id_2 
_pdbx_validate_rmsd_angle.auth_asym_id_2 
_pdbx_validate_rmsd_angle.auth_comp_id_2 
_pdbx_validate_rmsd_angle.auth_seq_id_2 
_pdbx_validate_rmsd_angle.PDB_ins_code_2 
_pdbx_validate_rmsd_angle.label_alt_id_2 
_pdbx_validate_rmsd_angle.auth_atom_id_3 
_pdbx_validate_rmsd_angle.auth_asym_id_3 
_pdbx_validate_rmsd_angle.auth_comp_id_3 
_pdbx_validate_rmsd_angle.auth_seq_id_3 
_pdbx_validate_rmsd_angle.PDB_ins_code_3 
_pdbx_validate_rmsd_angle.label_alt_id_3 
_pdbx_validate_rmsd_angle.angle_value 
_pdbx_validate_rmsd_angle.angle_target_value 
_pdbx_validate_rmsd_angle.angle_deviation 
_pdbx_validate_rmsd_angle.angle_standard_deviation 
_pdbx_validate_rmsd_angle.linker_flag 
1   1 "O5'" A DC 1  ? ? "C5'" A DC 1  ? ? "C4'" A DC 1  ? ? 104.36 109.40 -5.04  0.80 N 
2   1 "C3'" A DC 1  ? ? "C2'" A DC 1  ? ? "C1'" A DC 1  ? ? 96.55  102.40 -5.85  0.80 N 
3   1 "O4'" A DC 1  ? ? "C1'" A DC 1  ? ? N1    A DC 1  ? ? 103.15 108.00 -4.85  0.70 N 
4   1 C6    A DC 1  ? ? N1    A DC 1  ? ? C2    A DC 1  ? ? 125.65 120.30 5.35   0.40 N 
5   1 N1    A DC 1  ? ? C2    A DC 1  ? ? N3    A DC 1  ? ? 112.82 119.20 -6.38  0.70 N 
6   1 C2    A DC 1  ? ? N3    A DC 1  ? ? C4    A DC 1  ? ? 125.40 119.90 5.50   0.50 N 
7   1 N3    A DC 1  ? ? C4    A DC 1  ? ? C5    A DC 1  ? ? 111.45 121.90 -10.45 0.40 N 
8   1 C4    A DC 1  ? ? C5    A DC 1  ? ? C6    A DC 1  ? ? 125.80 117.40 8.40   0.50 N 
9   1 C5    A DC 1  ? ? C6    A DC 1  ? ? N1    A DC 1  ? ? 117.48 121.00 -3.52  0.50 N 
10  1 N1    A DC 1  ? ? C2    A DC 1  ? ? O2    A DC 1  ? ? 123.44 118.90 4.54   0.60 N 
11  1 C5    A DC 1  ? ? C4    A DC 1  ? ? N4    A DC 1  ? ? 127.92 120.20 7.72   0.70 N 
12  1 C2    A DC 1  ? ? N1    A DC 1  ? ? "C1'" A DC 1  ? ? 111.56 118.80 -7.24  1.10 N 
13  1 "O4'" A DG 2  ? ? "C4'" A DG 2  ? ? "C3'" A DG 2  ? ? 101.23 104.50 -3.27  0.40 N 
14  1 "C4'" A DG 2  ? ? "C3'" A DG 2  ? ? "C2'" A DG 2  ? ? 95.30  102.20 -6.90  0.70 N 
15  1 "C3'" A DG 2  ? ? "C2'" A DG 2  ? ? "C1'" A DG 2  ? ? 116.50 102.50 14.00  1.20 N 
16  1 "O4'" A DG 2  ? ? "C1'" A DG 2  ? ? "C2'" A DG 2  ? ? 96.46  105.90 -9.44  0.80 N 
17  1 "O4'" A DG 2  ? ? "C1'" A DG 2  ? ? N9    A DG 2  ? ? 99.31  108.00 -8.69  0.70 N 
18  1 C2    A DG 2  ? ? N3    A DG 2  ? ? C4    A DG 2  ? ? 105.96 111.90 -5.94  0.50 N 
19  1 N3    A DG 2  ? ? C4    A DG 2  ? ? C5    A DG 2  ? ? 138.82 128.60 10.22  0.50 N 
20  1 C4    A DG 2  ? ? C5    A DG 2  ? ? C6    A DG 2  ? ? 106.46 118.80 -12.34 0.60 N 
21  1 C5    A DG 2  ? ? C6    A DG 2  ? ? N1    A DG 2  ? ? 122.29 111.50 10.79  0.50 N 
22  1 C4    A DG 2  ? ? C5    A DG 2  ? ? N7    A DG 2  ? ? 118.31 110.80 7.51   0.40 N 
23  1 N9    A DG 2  ? ? C4    A DG 2  ? ? C5    A DG 2  ? ? 96.52  105.40 -8.88  0.40 N 
24  1 C6    A DG 2  ? ? C5    A DG 2  ? ? N7    A DG 2  ? ? 135.22 130.40 4.82   0.60 N 
25  1 N1    A DG 2  ? ? C2    A DG 2  ? ? N2    A DG 2  ? ? 123.31 116.20 7.11   0.90 N 
26  1 N3    A DG 2  ? ? C2    A DG 2  ? ? N2    A DG 2  ? ? 114.44 119.90 -5.46  0.70 N 
27  1 C5    A DG 2  ? ? C6    A DG 2  ? ? O6    A DG 2  ? ? 121.06 128.60 -7.54  0.60 N 
28  1 C8    A DG 2  ? ? N9    A DG 2  ? ? "C1'" A DG 2  ? ? 118.27 127.00 -8.73  1.30 N 
29  1 "C3'" A DC 3  ? ? "C2'" A DC 3  ? ? "C1'" A DC 3  ? ? 96.84  102.40 -5.56  0.80 N 
30  1 "O4'" A DC 3  ? ? "C1'" A DC 3  ? ? N1    A DC 3  ? ? 97.03  108.00 -10.97 0.70 N 
31  1 N1    A DC 3  ? ? C2    A DC 3  ? ? N3    A DC 3  ? ? 124.30 119.20 5.10   0.70 N 
32  1 C2    A DC 3  ? ? N3    A DC 3  ? ? C4    A DC 3  ? ? 114.86 119.90 -5.04  0.50 N 
33  1 N3    A DC 3  ? ? C4    A DC 3  ? ? C5    A DC 3  ? ? 127.59 121.90 5.69   0.40 N 
34  1 C4    A DC 3  ? ? C5    A DC 3  ? ? C6    A DC 3  ? ? 111.84 117.40 -5.56  0.50 N 
35  1 N1    A DC 3  ? ? C2    A DC 3  ? ? O2    A DC 3  ? ? 112.80 118.90 -6.10  0.60 N 
36  1 "O5'" A DG 4  ? ? "C5'" A DG 4  ? ? "C4'" A DG 4  ? ? 103.83 109.40 -5.57  0.80 N 
37  1 "O4'" A DG 4  ? ? "C4'" A DG 4  ? ? "C3'" A DG 4  ? ? 100.14 104.50 -4.36  0.40 N 
38  1 "C4'" A DG 4  ? ? "C3'" A DG 4  ? ? "C2'" A DG 4  ? ? 108.61 103.10 5.51   0.90 N 
39  1 "O4'" A DG 4  ? ? "C1'" A DG 4  ? ? N9    A DG 4  ? ? 101.14 108.00 -6.86  0.70 N 
40  1 C6    A DG 4  ? ? N1    A DG 4  ? ? C2    A DG 4  ? ? 111.50 125.10 -13.60 0.60 N 
41  1 N1    A DG 4  ? ? C2    A DG 4  ? ? N3    A DG 4  ? ? 130.71 123.90 6.81   0.60 N 
42  1 C2    A DG 4  ? ? N3    A DG 4  ? ? C4    A DG 4  ? ? 106.41 111.90 -5.49  0.50 N 
43  1 N3    A DG 4  ? ? C4    A DG 4  ? ? C5    A DG 4  ? ? 134.38 128.60 5.78   0.50 N 
44  1 C5    A DG 4  ? ? C6    A DG 4  ? ? N1    A DG 4  ? ? 120.17 111.50 8.67   0.50 N 
45  1 C4    A DG 4  ? ? C5    A DG 4  ? ? N7    A DG 4  ? ? 114.48 110.80 3.68   0.40 N 
46  1 N3    A DG 4  ? ? C4    A DG 4  ? ? N9    A DG 4  ? ? 121.81 126.00 -4.19  0.60 N 
47  1 N1    A DG 4  ? ? C2    A DG 4  ? ? N2    A DG 4  ? ? 106.57 116.20 -9.63  0.90 N 
48  1 N1    A DG 4  ? ? C6    A DG 4  ? ? O6    A DG 4  ? ? 102.76 119.90 -17.14 0.60 N 
49  1 C5    A DG 4  ? ? C6    A DG 4  ? ? O6    A DG 4  ? ? 137.05 128.60 8.45   0.60 N 
50  1 C8    A DG 4  ? ? N9    A DG 4  ? ? "C1'" A DG 4  ? ? 118.16 127.00 -8.84  1.30 N 
51  1 C4    A DG 4  ? ? N9    A DG 4  ? ? "C1'" A DG 4  ? ? 136.34 126.50 9.84   1.30 N 
52  1 "C5'" A DC 5  ? ? "C4'" A DC 5  ? ? "C3'" A DC 5  ? ? 124.67 115.70 8.97   1.20 N 
53  1 "O4'" A DC 5  ? ? "C1'" A DC 5  ? ? N1    A DC 5  ? ? 100.72 108.00 -7.28  0.70 N 
54  1 C6    A DC 5  ? ? N1    A DC 5  ? ? C2    A DC 5  ? ? 123.39 120.30 3.09   0.40 N 
55  1 N3    A DC 5  ? ? C4    A DC 5  ? ? C5    A DC 5  ? ? 127.50 121.90 5.60   0.40 N 
56  1 C4    A DC 5  ? ? C5    A DC 5  ? ? C6    A DC 5  ? ? 114.07 117.40 -3.33  0.50 N 
57  1 C5    A DC 5  ? ? C6    A DC 5  ? ? N1    A DC 5  ? ? 115.05 121.00 -5.95  0.50 N 
58  1 C5    A DC 5  ? ? C4    A DC 5  ? ? N4    A DC 5  ? ? 113.92 120.20 -6.28  0.70 N 
59  1 "O4'" A DG 6  ? ? "C1'" A DG 6  ? ? N9    A DG 6  ? ? 111.56 108.30 3.26   0.30 N 
60  1 N1    A DG 6  ? ? C2    A DG 6  ? ? N3    A DG 6  ? ? 117.02 123.90 -6.88  0.60 N 
61  1 C2    A DG 6  ? ? N3    A DG 6  ? ? C4    A DG 6  ? ? 120.13 111.90 8.23   0.50 N 
62  1 N3    A DG 6  ? ? C4    A DG 6  ? ? C5    A DG 6  ? ? 121.92 128.60 -6.68  0.50 N 
63  1 C4    A DG 6  ? ? C5    A DG 6  ? ? N7    A DG 6  ? ? 108.36 110.80 -2.44  0.40 N 
64  1 C5    A DG 6  ? ? N7    A DG 6  ? ? C8    A DG 6  ? ? 101.24 104.30 -3.06  0.50 N 
65  1 N9    A DG 6  ? ? C4    A DG 6  ? ? C5    A DG 6  ? ? 108.84 105.40 3.44   0.40 N 
66  1 N3    A DG 6  ? ? C2    A DG 6  ? ? N2    A DG 6  ? ? 124.40 119.90 4.50   0.70 N 
67  1 C5    A DG 6  ? ? C6    A DG 6  ? ? O6    A DG 6  ? ? 124.97 128.60 -3.63  0.60 N 
68  1 "O4'" B DC 7  ? ? "C4'" B DC 7  ? ? "C3'" B DC 7  ? ? 109.66 106.00 3.66   0.60 N 
69  1 "C3'" B DC 7  ? ? "C2'" B DC 7  ? ? "C1'" B DC 7  ? ? 96.10  102.40 -6.30  0.80 N 
70  1 "O4'" B DC 7  ? ? "C1'" B DC 7  ? ? N1    B DC 7  ? ? 103.02 108.00 -4.98  0.70 N 
71  1 C6    B DC 7  ? ? N1    B DC 7  ? ? C2    B DC 7  ? ? 114.01 120.30 -6.29  0.40 N 
72  1 C2    B DC 7  ? ? N3    B DC 7  ? ? C4    B DC 7  ? ? 126.33 119.90 6.43   0.50 N 
73  1 N3    B DC 7  ? ? C4    B DC 7  ? ? C5    B DC 7  ? ? 115.88 121.90 -6.02  0.40 N 
74  1 C4    B DC 7  ? ? C5    B DC 7  ? ? C6    B DC 7  ? ? 122.70 117.40 5.30   0.50 N 
75  1 C5    B DC 7  ? ? C4    B DC 7  ? ? N4    B DC 7  ? ? 126.21 120.20 6.01   0.70 N 
76  1 "O4'" B DG 8  ? ? "C1'" B DG 8  ? ? "C2'" B DG 8  ? ? 111.06 106.80 4.26   0.50 N 
77  1 "O4'" B DG 8  ? ? "C1'" B DG 8  ? ? N9    B DG 8  ? ? 110.64 108.30 2.34   0.30 N 
78  1 C6    B DG 8  ? ? N1    B DG 8  ? ? C2    B DG 8  ? ? 132.47 125.10 7.37   0.60 N 
79  1 C5    B DG 8  ? ? C6    B DG 8  ? ? N1    B DG 8  ? ? 103.48 111.50 -8.02  0.50 N 
80  1 N7    B DG 8  ? ? C8    B DG 8  ? ? N9    B DG 8  ? ? 108.72 113.10 -4.38  0.50 N 
81  1 N9    B DG 8  ? ? C4    B DG 8  ? ? C5    B DG 8  ? ? 108.02 105.40 2.62   0.40 N 
82  1 N1    B DG 8  ? ? C6    B DG 8  ? ? O6    B DG 8  ? ? 128.22 119.90 8.32   0.60 N 
83  1 C8    B DG 8  ? ? N9    B DG 8  ? ? "C1'" B DG 8  ? ? 118.94 127.00 -8.06  1.30 N 
84  1 "O4'" B DC 9  ? ? "C4'" B DC 9  ? ? "C3'" B DC 9  ? ? 110.23 106.00 4.23   0.60 N 
85  1 "C3'" B DC 9  ? ? "C2'" B DC 9  ? ? "C1'" B DC 9  ? ? 93.37  102.40 -9.03  0.80 N 
86  1 "O4'" B DC 9  ? ? "C1'" B DC 9  ? ? N1    B DC 9  ? ? 102.94 108.00 -5.06  0.70 N 
87  1 C2    B DC 9  ? ? N3    B DC 9  ? ? C4    B DC 9  ? ? 124.28 119.90 4.38   0.50 N 
88  1 "C4'" B DG 10 ? ? "C3'" B DG 10 ? ? "C2'" B DG 10 ? ? 112.75 103.10 9.65   0.90 N 
89  1 "C3'" B DG 10 ? ? "C2'" B DG 10 ? ? "C1'" B DG 10 ? ? 93.32  102.40 -9.08  0.80 N 
90  1 "O4'" B DG 10 ? ? "C1'" B DG 10 ? ? "C2'" B DG 10 ? ? 113.55 106.80 6.75   0.50 N 
91  1 "O4'" B DG 10 ? ? "C1'" B DG 10 ? ? N9    B DG 10 ? ? 101.97 108.00 -6.03  0.70 N 
92  1 C2    B DG 10 ? ? N3    B DG 10 ? ? C4    B DG 10 ? ? 115.50 111.90 3.60   0.50 N 
93  1 N3    B DG 10 ? ? C4    B DG 10 ? ? C5    B DG 10 ? ? 125.08 128.60 -3.52  0.50 N 
94  1 C4    B DG 10 ? ? C5    B DG 10 ? ? N7    B DG 10 ? ? 103.05 110.80 -7.75  0.40 N 
95  1 C5    B DG 10 ? ? N7    B DG 10 ? ? C8    B DG 10 ? ? 110.13 104.30 5.83   0.50 N 
96  1 N7    B DG 10 ? ? C8    B DG 10 ? ? N9    B DG 10 ? ? 108.53 113.10 -4.57  0.50 N 
97  1 C8    B DG 10 ? ? N9    B DG 10 ? ? C4    B DG 10 ? ? 110.46 106.40 4.06   0.40 N 
98  1 C6    B DG 10 ? ? C5    B DG 10 ? ? N7    B DG 10 ? ? 137.52 130.40 7.12   0.60 N 
99  1 N3    B DG 10 ? ? C2    B DG 10 ? ? N2    B DG 10 ? ? 124.27 119.90 4.37   0.70 N 
100 1 N1    B DG 10 ? ? C6    B DG 10 ? ? O6    B DG 10 ? ? 125.03 119.90 5.13   0.60 N 
101 1 C5    B DG 10 ? ? C6    B DG 10 ? ? O6    B DG 10 ? ? 124.67 128.60 -3.93  0.60 N 
102 1 C8    B DG 10 ? ? N9    B DG 10 ? ? "C1'" B DG 10 ? ? 116.39 127.00 -10.61 1.30 N 
103 1 "C1'" B DC 11 ? ? "O4'" B DC 11 ? ? "C4'" B DC 11 ? ? 116.76 110.30 6.46   0.70 N 
104 1 "C4'" B DC 11 ? ? "C3'" B DC 11 ? ? "C2'" B DC 11 ? ? 95.13  102.20 -7.07  0.70 N 
105 1 "O4'" B DC 11 ? ? "C1'" B DC 11 ? ? N1    B DC 11 ? ? 111.45 108.30 3.15   0.30 N 
106 1 C6    B DC 11 ? ? N1    B DC 11 ? ? C2    B DC 11 ? ? 122.77 120.30 2.47   0.40 N 
107 1 N1    B DC 11 ? ? C2    B DC 11 ? ? N3    B DC 11 ? ? 109.77 119.20 -9.43  0.70 N 
108 1 C2    B DC 11 ? ? N3    B DC 11 ? ? C4    B DC 11 ? ? 130.56 119.90 10.66  0.50 N 
109 1 N3    B DC 11 ? ? C4    B DC 11 ? ? C5    B DC 11 ? ? 111.72 121.90 -10.18 0.40 N 
110 1 C4    B DC 11 ? ? C5    B DC 11 ? ? C6    B DC 11 ? ? 112.17 117.40 -5.23  0.50 N 
111 1 C5    B DC 11 ? ? C6    B DC 11 ? ? N1    B DC 11 ? ? 132.80 121.00 11.80  0.50 N 
112 1 N1    B DC 11 ? ? C2    B DC 11 ? ? O2    B DC 11 ? ? 124.85 118.90 5.95   0.60 N 
113 1 N3    B DC 11 ? ? C4    B DC 11 ? ? N4    B DC 11 ? ? 122.33 118.00 4.33   0.70 N 
114 1 C5    B DC 11 ? ? C4    B DC 11 ? ? N4    B DC 11 ? ? 125.90 120.20 5.70   0.70 N 
115 1 C2    B DG 12 ? ? N3    B DG 12 ? ? C4    B DG 12 ? ? 108.21 111.90 -3.69  0.50 N 
116 1 N3    B DG 12 ? ? C4    B DG 12 ? ? C5    B DG 12 ? ? 134.80 128.60 6.20   0.50 N 
117 1 C4    B DG 12 ? ? C5    B DG 12 ? ? N7    B DG 12 ? ? 117.71 110.80 6.91   0.40 N 
118 1 C5    B DG 12 ? ? N7    B DG 12 ? ? C8    B DG 12 ? ? 100.39 104.30 -3.91  0.50 N 
119 1 N7    B DG 12 ? ? C8    B DG 12 ? ? N9    B DG 12 ? ? 116.53 113.10 3.43   0.50 N 
120 1 N9    B DG 12 ? ? C4    B DG 12 ? ? C5    B DG 12 ? ? 98.48  105.40 -6.92  0.40 N 
121 1 C6    B DG 12 ? ? C5    B DG 12 ? ? N7    B DG 12 ? ? 124.89 130.40 -5.51  0.60 N 
# 
_pdbx_validate_planes.id              1 
_pdbx_validate_planes.PDB_model_num   1 
_pdbx_validate_planes.auth_comp_id    DG 
_pdbx_validate_planes.auth_asym_id    B 
_pdbx_validate_planes.auth_seq_id     10 
_pdbx_validate_planes.PDB_ins_code    ? 
_pdbx_validate_planes.label_alt_id    ? 
_pdbx_validate_planes.rmsd            0.044 
_pdbx_validate_planes.type            'SIDE CHAIN' 
# 
loop_
_chem_comp_atom.comp_id 
_chem_comp_atom.atom_id 
_chem_comp_atom.type_symbol 
_chem_comp_atom.pdbx_aromatic_flag 
_chem_comp_atom.pdbx_stereo_config 
_chem_comp_atom.pdbx_ordinal 
104 N1     N  N N 1   
104 C2     C  N N 2   
104 C3     C  N N 3   
104 N4     N  N N 4   
104 C5     C  N N 5   
104 C6     C  N N 6   
104 N7     N  N N 7   
104 C8     C  N N 8   
104 C9     C  N N 9   
104 N10    N  N N 10  
104 H11    H  N N 11  
104 H12    H  N N 12  
104 H21    H  N N 13  
104 H22    H  N N 14  
104 H31    H  N N 15  
104 H32    H  N N 16  
104 HN4    H  N N 17  
104 H51    H  N N 18  
104 H52    H  N N 19  
104 H61    H  N N 20  
104 H62    H  N N 21  
104 HN7    H  N N 22  
104 H81    H  N N 23  
104 H82    H  N N 24  
104 H91    H  N N 25  
104 H92    H  N N 26  
104 H101   H  N N 27  
104 H102   H  N N 28  
DC  OP3    O  N N 29  
DC  P      P  N N 30  
DC  OP1    O  N N 31  
DC  OP2    O  N N 32  
DC  "O5'"  O  N N 33  
DC  "C5'"  C  N N 34  
DC  "C4'"  C  N R 35  
DC  "O4'"  O  N N 36  
DC  "C3'"  C  N S 37  
DC  "O3'"  O  N N 38  
DC  "C2'"  C  N N 39  
DC  "C1'"  C  N R 40  
DC  N1     N  N N 41  
DC  C2     C  N N 42  
DC  O2     O  N N 43  
DC  N3     N  N N 44  
DC  C4     C  N N 45  
DC  N4     N  N N 46  
DC  C5     C  N N 47  
DC  C6     C  N N 48  
DC  HOP3   H  N N 49  
DC  HOP2   H  N N 50  
DC  "H5'"  H  N N 51  
DC  "H5''" H  N N 52  
DC  "H4'"  H  N N 53  
DC  "H3'"  H  N N 54  
DC  "HO3'" H  N N 55  
DC  "H2'"  H  N N 56  
DC  "H2''" H  N N 57  
DC  "H1'"  H  N N 58  
DC  H41    H  N N 59  
DC  H42    H  N N 60  
DC  H5     H  N N 61  
DC  H6     H  N N 62  
DG  OP3    O  N N 63  
DG  P      P  N N 64  
DG  OP1    O  N N 65  
DG  OP2    O  N N 66  
DG  "O5'"  O  N N 67  
DG  "C5'"  C  N N 68  
DG  "C4'"  C  N R 69  
DG  "O4'"  O  N N 70  
DG  "C3'"  C  N S 71  
DG  "O3'"  O  N N 72  
DG  "C2'"  C  N N 73  
DG  "C1'"  C  N R 74  
DG  N9     N  Y N 75  
DG  C8     C  Y N 76  
DG  N7     N  Y N 77  
DG  C5     C  Y N 78  
DG  C6     C  N N 79  
DG  O6     O  N N 80  
DG  N1     N  N N 81  
DG  C2     C  N N 82  
DG  N2     N  N N 83  
DG  N3     N  N N 84  
DG  C4     C  Y N 85  
DG  HOP3   H  N N 86  
DG  HOP2   H  N N 87  
DG  "H5'"  H  N N 88  
DG  "H5''" H  N N 89  
DG  "H4'"  H  N N 90  
DG  "H3'"  H  N N 91  
DG  "HO3'" H  N N 92  
DG  "H2'"  H  N N 93  
DG  "H2''" H  N N 94  
DG  "H1'"  H  N N 95  
DG  H8     H  N N 96  
DG  H1     H  N N 97  
DG  H21    H  N N 98  
DG  H22    H  N N 99  
HOH O      O  N N 100 
HOH H1     H  N N 101 
HOH H2     H  N N 102 
MG  MG     MG N N 103 
# 
loop_
_chem_comp_bond.comp_id 
_chem_comp_bond.atom_id_1 
_chem_comp_bond.atom_id_2 
_chem_comp_bond.value_order 
_chem_comp_bond.pdbx_aromatic_flag 
_chem_comp_bond.pdbx_stereo_config 
_chem_comp_bond.pdbx_ordinal 
104 N1    C2     sing N N 1   
104 N1    H11    sing N N 2   
104 N1    H12    sing N N 3   
104 C2    C3     sing N N 4   
104 C2    H21    sing N N 5   
104 C2    H22    sing N N 6   
104 C3    N4     sing N N 7   
104 C3    H31    sing N N 8   
104 C3    H32    sing N N 9   
104 N4    C5     sing N N 10  
104 N4    HN4    sing N N 11  
104 C5    C6     sing N N 12  
104 C5    H51    sing N N 13  
104 C5    H52    sing N N 14  
104 C6    N7     sing N N 15  
104 C6    H61    sing N N 16  
104 C6    H62    sing N N 17  
104 N7    C8     sing N N 18  
104 N7    HN7    sing N N 19  
104 C8    C9     sing N N 20  
104 C8    H81    sing N N 21  
104 C8    H82    sing N N 22  
104 C9    N10    sing N N 23  
104 C9    H91    sing N N 24  
104 C9    H92    sing N N 25  
104 N10   H101   sing N N 26  
104 N10   H102   sing N N 27  
DC  OP3   P      sing N N 28  
DC  OP3   HOP3   sing N N 29  
DC  P     OP1    doub N N 30  
DC  P     OP2    sing N N 31  
DC  P     "O5'"  sing N N 32  
DC  OP2   HOP2   sing N N 33  
DC  "O5'" "C5'"  sing N N 34  
DC  "C5'" "C4'"  sing N N 35  
DC  "C5'" "H5'"  sing N N 36  
DC  "C5'" "H5''" sing N N 37  
DC  "C4'" "O4'"  sing N N 38  
DC  "C4'" "C3'"  sing N N 39  
DC  "C4'" "H4'"  sing N N 40  
DC  "O4'" "C1'"  sing N N 41  
DC  "C3'" "O3'"  sing N N 42  
DC  "C3'" "C2'"  sing N N 43  
DC  "C3'" "H3'"  sing N N 44  
DC  "O3'" "HO3'" sing N N 45  
DC  "C2'" "C1'"  sing N N 46  
DC  "C2'" "H2'"  sing N N 47  
DC  "C2'" "H2''" sing N N 48  
DC  "C1'" N1     sing N N 49  
DC  "C1'" "H1'"  sing N N 50  
DC  N1    C2     sing N N 51  
DC  N1    C6     sing N N 52  
DC  C2    O2     doub N N 53  
DC  C2    N3     sing N N 54  
DC  N3    C4     doub N N 55  
DC  C4    N4     sing N N 56  
DC  C4    C5     sing N N 57  
DC  N4    H41    sing N N 58  
DC  N4    H42    sing N N 59  
DC  C5    C6     doub N N 60  
DC  C5    H5     sing N N 61  
DC  C6    H6     sing N N 62  
DG  OP3   P      sing N N 63  
DG  OP3   HOP3   sing N N 64  
DG  P     OP1    doub N N 65  
DG  P     OP2    sing N N 66  
DG  P     "O5'"  sing N N 67  
DG  OP2   HOP2   sing N N 68  
DG  "O5'" "C5'"  sing N N 69  
DG  "C5'" "C4'"  sing N N 70  
DG  "C5'" "H5'"  sing N N 71  
DG  "C5'" "H5''" sing N N 72  
DG  "C4'" "O4'"  sing N N 73  
DG  "C4'" "C3'"  sing N N 74  
DG  "C4'" "H4'"  sing N N 75  
DG  "O4'" "C1'"  sing N N 76  
DG  "C3'" "O3'"  sing N N 77  
DG  "C3'" "C2'"  sing N N 78  
DG  "C3'" "H3'"  sing N N 79  
DG  "O3'" "HO3'" sing N N 80  
DG  "C2'" "C1'"  sing N N 81  
DG  "C2'" "H2'"  sing N N 82  
DG  "C2'" "H2''" sing N N 83  
DG  "C1'" N9     sing N N 84  
DG  "C1'" "H1'"  sing N N 85  
DG  N9    C8     sing Y N 86  
DG  N9    C4     sing Y N 87  
DG  C8    N7     doub Y N 88  
DG  C8    H8     sing N N 89  
DG  N7    C5     sing Y N 90  
DG  C5    C6     sing N N 91  
DG  C5    C4     doub Y N 92  
DG  C6    O6     doub N N 93  
DG  C6    N1     sing N N 94  
DG  N1    C2     sing N N 95  
DG  N1    H1     sing N N 96  
DG  C2    N2     sing N N 97  
DG  C2    N3     doub N N 98  
DG  N2    H21    sing N N 99  
DG  N2    H22    sing N N 100 
DG  N3    C4     sing N N 101 
HOH O     H1     sing N N 102 
HOH O     H2     sing N N 103 
# 
_ndb_struct_conf_na.entry_id   1DJ6 
_ndb_struct_conf_na.feature    'z-form double helix' 
# 
loop_
_ndb_struct_na_base_pair.model_number 
_ndb_struct_na_base_pair.i_label_asym_id 
_ndb_struct_na_base_pair.i_label_comp_id 
_ndb_struct_na_base_pair.i_label_seq_id 
_ndb_struct_na_base_pair.i_symmetry 
_ndb_struct_na_base_pair.j_label_asym_id 
_ndb_struct_na_base_pair.j_label_comp_id 
_ndb_struct_na_base_pair.j_label_seq_id 
_ndb_struct_na_base_pair.j_symmetry 
_ndb_struct_na_base_pair.shear 
_ndb_struct_na_base_pair.stretch 
_ndb_struct_na_base_pair.stagger 
_ndb_struct_na_base_pair.buckle 
_ndb_struct_na_base_pair.propeller 
_ndb_struct_na_base_pair.opening 
_ndb_struct_na_base_pair.pair_number 
_ndb_struct_na_base_pair.pair_name 
_ndb_struct_na_base_pair.i_auth_asym_id 
_ndb_struct_na_base_pair.i_auth_seq_id 
_ndb_struct_na_base_pair.i_PDB_ins_code 
_ndb_struct_na_base_pair.j_auth_asym_id 
_ndb_struct_na_base_pair.j_auth_seq_id 
_ndb_struct_na_base_pair.j_PDB_ins_code 
_ndb_struct_na_base_pair.hbond_type_28 
_ndb_struct_na_base_pair.hbond_type_12 
1 A DC 1 1_555 B DG 6 1_555 -0.435 -0.152 0.107  1.946  0.580  0.374 1 A_DC1:DG12_B A 1 ? B 12 ? 19 1 
1 A DG 2 1_555 B DC 5 1_555 0.371  -0.169 -0.138 -5.725 -0.213 0.091 2 A_DG2:DC11_B A 2 ? B 11 ? 19 1 
1 A DC 3 1_555 B DG 4 1_555 -0.342 -0.143 0.026  2.482  -5.211 0.876 3 A_DC3:DG10_B A 3 ? B 10 ? 19 1 
1 A DG 4 1_555 B DC 3 1_555 0.182  -0.128 0.252  -6.892 -1.949 2.162 4 A_DG4:DC9_B  A 4 ? B 9  ? 19 1 
1 A DC 5 1_555 B DG 2 1_555 -0.194 -0.088 -0.017 -1.281 -0.069 1.251 5 A_DC5:DG8_B  A 5 ? B 8  ? 19 1 
1 A DG 6 1_555 B DC 1 1_555 0.218  -0.227 0.145  3.253  3.063  4.079 6 A_DG6:DC7_B  A 6 ? B 7  ? 19 1 
# 
loop_
_ndb_struct_na_base_pair_step.model_number 
_ndb_struct_na_base_pair_step.i_label_asym_id_1 
_ndb_struct_na_base_pair_step.i_label_comp_id_1 
_ndb_struct_na_base_pair_step.i_label_seq_id_1 
_ndb_struct_na_base_pair_step.i_symmetry_1 
_ndb_struct_na_base_pair_step.j_label_asym_id_1 
_ndb_struct_na_base_pair_step.j_label_comp_id_1 
_ndb_struct_na_base_pair_step.j_label_seq_id_1 
_ndb_struct_na_base_pair_step.j_symmetry_1 
_ndb_struct_na_base_pair_step.i_label_asym_id_2 
_ndb_struct_na_base_pair_step.i_label_comp_id_2 
_ndb_struct_na_base_pair_step.i_label_seq_id_2 
_ndb_struct_na_base_pair_step.i_symmetry_2 
_ndb_struct_na_base_pair_step.j_label_asym_id_2 
_ndb_struct_na_base_pair_step.j_label_comp_id_2 
_ndb_struct_na_base_pair_step.j_label_seq_id_2 
_ndb_struct_na_base_pair_step.j_symmetry_2 
_ndb_struct_na_base_pair_step.shift 
_ndb_struct_na_base_pair_step.slide 
_ndb_struct_na_base_pair_step.rise 
_ndb_struct_na_base_pair_step.tilt 
_ndb_struct_na_base_pair_step.roll 
_ndb_struct_na_base_pair_step.twist 
_ndb_struct_na_base_pair_step.x_displacement 
_ndb_struct_na_base_pair_step.y_displacement 
_ndb_struct_na_base_pair_step.helical_rise 
_ndb_struct_na_base_pair_step.inclination 
_ndb_struct_na_base_pair_step.tip 
_ndb_struct_na_base_pair_step.helical_twist 
_ndb_struct_na_base_pair_step.step_number 
_ndb_struct_na_base_pair_step.step_name 
_ndb_struct_na_base_pair_step.i_auth_asym_id_1 
_ndb_struct_na_base_pair_step.i_auth_seq_id_1 
_ndb_struct_na_base_pair_step.i_PDB_ins_code_1 
_ndb_struct_na_base_pair_step.j_auth_asym_id_1 
_ndb_struct_na_base_pair_step.j_auth_seq_id_1 
_ndb_struct_na_base_pair_step.j_PDB_ins_code_1 
_ndb_struct_na_base_pair_step.i_auth_asym_id_2 
_ndb_struct_na_base_pair_step.i_auth_seq_id_2 
_ndb_struct_na_base_pair_step.i_PDB_ins_code_2 
_ndb_struct_na_base_pair_step.j_auth_asym_id_2 
_ndb_struct_na_base_pair_step.j_auth_seq_id_2 
_ndb_struct_na_base_pair_step.j_PDB_ins_code_2 
1 A DC 1 1_555 B DG 6 1_555 A DG 2 1_555 B DC 5 1_555 0.077  5.398  3.643 0.578  -5.280 -4.940  -8.301  4.368   6.404 46.827 5.122 
-7.253  1 AA_DC1DG2:DC11DG12_BB A 1 ? B 12 ? A 2 ? B 11 ? 
1 A DG 2 1_555 B DC 5 1_555 A DC 3 1_555 B DG 4 1_555 -0.039 -0.976 3.365 -1.481 -4.202 -51.558 1.407   -0.146  3.280 4.821  
-1.699  -51.737 2 AA_DG2DC3:DG10DC11_BB A 2 ? B 11 ? A 3 ? B 10 ? 
1 A DC 3 1_555 B DG 4 1_555 A DG 4 1_555 B DC 3 1_555 -0.005 5.363  3.792 -2.221 -3.865 -6.544  -20.397 -10.637 5.749 29.732 
-17.082 -7.916  3 AA_DC3DG4:DC9DG10_BB  A 3 ? B 10 ? A 4 ? B 9  ? 
1 A DG 4 1_555 B DC 3 1_555 A DC 5 1_555 B DG 2 1_555 0.014  -0.958 3.431 2.598  -2.295 -53.266 1.218   0.186   3.386 2.557  2.894 
-53.371 4 AA_DG4DC5:DG8DC9_BB   A 4 ? B 9  ? A 5 ? B 8  ? 
1 A DC 5 1_555 B DG 2 1_555 A DG 6 1_555 B DC 1 1_555 0.113  5.196  3.401 0.243  -1.385 -9.126  -28.753 1.320   4.136 8.634  1.518 
-9.234  5 AA_DC5DG6:DC7DG8_BB   A 5 ? B 8  ? A 6 ? B 7  ? 
# 
_pdbx_initial_refinement_model.accession_code   ? 
_pdbx_initial_refinement_model.id               1 
_pdbx_initial_refinement_model.entity_id_list   ? 
_pdbx_initial_refinement_model.type             'experimental model' 
_pdbx_initial_refinement_model.source_name      Other 
_pdbx_initial_refinement_model.details          Z-DNA 
# 
_atom_sites.entry_id                    1DJ6 
_atom_sites.fract_transf_matrix[1][1]   -0.04201053 
_atom_sites.fract_transf_matrix[1][2]   0.02800248 
_atom_sites.fract_transf_matrix[1][3]   0.02369583 
_atom_sites.fract_transf_matrix[2][1]   0.01106678 
_atom_sites.fract_transf_matrix[2][2]   0.02717262 
_atom_sites.fract_transf_matrix[2][3]   -0.01249078 
_atom_sites.fract_transf_matrix[3][1]   -0.01252136 
_atom_sites.fract_transf_matrix[3][2]   -0.00330795 
_atom_sites.fract_transf_matrix[3][3]   -0.01829005 
_atom_sites.fract_transf_vector[1]      0.644736 
_atom_sites.fract_transf_vector[2]      0.502796 
_atom_sites.fract_transf_vector[3]      0.123706 
# 
loop_
_atom_type.symbol 
C  
MG 
N  
O  
P  
# 
loop_
_atom_site.group_PDB 
_atom_site.id 
_atom_site.type_symbol 
_atom_site.label_atom_id 
_atom_site.label_alt_id 
_atom_site.label_comp_id 
_atom_site.label_asym_id 
_atom_site.label_entity_id 
_atom_site.label_seq_id 
_atom_site.pdbx_PDB_ins_code 
_atom_site.Cartn_x 
_atom_site.Cartn_y 
_atom_site.Cartn_z 
_atom_site.occupancy 
_atom_site.B_iso_or_equiv 
_atom_site.pdbx_formal_charge 
_atom_site.auth_seq_id 
_atom_site.auth_comp_id 
_atom_site.auth_asym_id 
_atom_site.auth_atom_id 
_atom_site.pdbx_PDB_model_num 
ATOM   1   O  "O5'" . DC  A 1 1 ? 7.747   -2.661  7.085   1.00 7.23  ? 1   DC  A "O5'" 1 
ATOM   2   C  "C5'" . DC  A 1 1 ? 7.581   -2.151  5.591   1.00 4.50  ? 1   DC  A "C5'" 1 
ATOM   3   C  "C4'" . DC  A 1 1 ? 7.039   -0.795  5.727   1.00 3.21  ? 1   DC  A "C4'" 1 
ATOM   4   O  "O4'" . DC  A 1 1 ? 5.651   -0.862  6.047   1.00 4.92  ? 1   DC  A "O4'" 1 
ATOM   5   C  "C3'" . DC  A 1 1 ? 7.697   0.105   6.723   1.00 7.43  ? 1   DC  A "C3'" 1 
ATOM   6   O  "O3'" . DC  A 1 1 ? 7.746   1.538   6.229   1.00 4.99  ? 1   DC  A "O3'" 1 
ATOM   7   C  "C2'" . DC  A 1 1 ? 6.674   0.244   7.946   1.00 4.51  ? 1   DC  A "C2'" 1 
ATOM   8   C  "C1'" . DC  A 1 1 ? 5.342   0.141   7.082   1.00 4.69  ? 1   DC  A "C1'" 1 
ATOM   9   N  N1    . DC  A 1 1 ? 4.314   -0.632  8.045   1.00 5.30  ? 1   DC  A N1    1 
ATOM   10  C  C2    . DC  A 1 1 ? 3.430   0.255   8.672   1.00 5.32  ? 1   DC  A C2    1 
ATOM   11  O  O2    . DC  A 1 1 ? 3.504   1.449   8.566   1.00 6.01  ? 1   DC  A O2    1 
ATOM   12  N  N3    . DC  A 1 1 ? 2.472   -0.393  9.439   1.00 5.66  ? 1   DC  A N3    1 
ATOM   13  C  C4    . DC  A 1 1 ? 2.368   -1.731  9.595   1.00 4.33  ? 1   DC  A C4    1 
ATOM   14  N  N4    . DC  A 1 1 ? 1.503   -2.226  10.396  1.00 6.07  ? 1   DC  A N4    1 
ATOM   15  C  C5    . DC  A 1 1 ? 3.421   -2.465  8.793   1.00 5.54  ? 1   DC  A C5    1 
ATOM   16  C  C6    . DC  A 1 1 ? 4.197   -1.961  8.021   1.00 7.27  ? 1   DC  A C6    1 
ATOM   17  P  P     . DG  A 1 2 ? 9.033   2.043   5.413   1.00 4.96  ? 2   DG  A P     1 
ATOM   18  O  OP1   . DG  A 1 2 ? 10.263  1.477   5.976   1.00 5.34  ? 2   DG  A OP1   1 
ATOM   19  O  OP2   . DG  A 1 2 ? 8.825   3.516   5.279   1.00 5.43  ? 2   DG  A OP2   1 
ATOM   20  O  "O5'" . DG  A 1 2 ? 8.983   1.416   3.990   1.00 4.96  ? 2   DG  A "O5'" 1 
ATOM   21  C  "C5'" . DG  A 1 2 ? 7.812   1.647   2.979   1.00 6.44  ? 2   DG  A "C5'" 1 
ATOM   22  C  "C4'" . DG  A 1 2 ? 8.064   0.759   1.889   1.00 3.67  ? 2   DG  A "C4'" 1 
ATOM   23  O  "O4'" . DG  A 1 2 ? 7.869   -0.577  2.459   1.00 4.92  ? 2   DG  A "O4'" 1 
ATOM   24  C  "C3'" . DG  A 1 2 ? 6.752   0.904   0.975   1.00 4.91  ? 2   DG  A "C3'" 1 
ATOM   25  O  "O3'" . DG  A 1 2 ? 7.159   1.746   -0.170  1.00 7.08  ? 2   DG  A "O3'" 1 
ATOM   26  C  "C2'" . DG  A 1 2 ? 6.748   -0.695  0.455   1.00 6.42  ? 2   DG  A "C2'" 1 
ATOM   27  C  "C1'" . DG  A 1 2 ? 7.328   -1.657  1.342   1.00 9.28  ? 2   DG  A "C1'" 1 
ATOM   28  N  N9    . DG  A 1 2 ? 6.231   -2.213  2.071   1.00 5.78  ? 2   DG  A N9    1 
ATOM   29  C  C8    . DG  A 1 2 ? 6.296   -3.554  2.440   1.00 7.20  ? 2   DG  A C8    1 
ATOM   30  N  N7    . DG  A 1 2 ? 5.261   -3.999  3.151   1.00 7.31  ? 2   DG  A N7    1 
ATOM   31  C  C5    . DG  A 1 2 ? 4.630   -2.877  3.482   1.00 4.99  ? 2   DG  A C5    1 
ATOM   32  C  C6    . DG  A 1 2 ? 3.511   -2.549  4.301   1.00 5.02  ? 2   DG  A C6    1 
ATOM   33  O  O6    . DG  A 1 2 ? 2.888   -3.446  4.949   1.00 5.85  ? 2   DG  A O6    1 
ATOM   34  N  N1    . DG  A 1 2 ? 3.126   -1.305  4.502   1.00 4.32  ? 2   DG  A N1    1 
ATOM   35  C  C2    . DG  A 1 2 ? 3.660   -0.243  3.873   1.00 5.56  ? 2   DG  A C2    1 
ATOM   36  N  N2    . DG  A 1 2 ? 3.216   1.031   4.050   1.00 4.79  ? 2   DG  A N2    1 
ATOM   37  N  N3    . DG  A 1 2 ? 4.811   -0.371  2.926   1.00 3.73  ? 2   DG  A N3    1 
ATOM   38  C  C4    . DG  A 1 2 ? 5.113   -1.609  2.906   1.00 5.46  ? 2   DG  A C4    1 
ATOM   39  P  P     . DC  A 1 3 ? 6.345   3.133   -0.325  1.00 6.80  ? 3   DC  A P     1 
ATOM   40  O  OP1   . DC  A 1 3 ? 7.109   3.842   -1.441  1.00 6.90  ? 3   DC  A OP1   1 
ATOM   41  O  OP2   . DC  A 1 3 ? 6.221   3.823   1.063   1.00 9.07  ? 3   DC  A OP2   1 
ATOM   42  O  "O5'" . DC  A 1 3 ? 4.963   2.530   -0.891  1.00 7.70  ? 3   DC  A "O5'" 1 
ATOM   43  C  "C5'" . DC  A 1 3 ? 4.165   3.270   -1.927  1.00 7.03  ? 3   DC  A "C5'" 1 
ATOM   44  C  "C4'" . DC  A 1 3 ? 2.797   3.437   -1.377  1.00 5.82  ? 3   DC  A "C4'" 1 
ATOM   45  O  "O4'" . DC  A 1 3 ? 2.105   2.067   -1.274  1.00 4.65  ? 3   DC  A "O4'" 1 
ATOM   46  C  "C3'" . DC  A 1 3 ? 2.635   4.176   -0.073  1.00 6.19  ? 3   DC  A "C3'" 1 
ATOM   47  O  "O3'" . DC  A 1 3 ? 1.325   4.834   -0.114  1.00 8.08  ? 3   DC  A "O3'" 1 
ATOM   48  C  "C2'" . DC  A 1 3 ? 2.388   2.980   0.943   1.00 5.88  ? 3   DC  A "C2'" 1 
ATOM   49  C  "C1'" . DC  A 1 3 ? 1.434   2.097   -0.026  1.00 6.90  ? 3   DC  A "C1'" 1 
ATOM   50  N  N1    . DC  A 1 3 ? 1.738   0.566   0.400   1.00 4.38  ? 3   DC  A N1    1 
ATOM   51  C  C2    . DC  A 1 3 ? 0.803   0.007   1.250   1.00 4.85  ? 3   DC  A C2    1 
ATOM   52  O  O2    . DC  A 1 3 ? -0.063  0.916   1.746   1.00 6.37  ? 3   DC  A O2    1 
ATOM   53  N  N3    . DC  A 1 3 ? 0.833   -1.214  1.661   1.00 4.12  ? 3   DC  A N3    1 
ATOM   54  C  C4    . DC  A 1 3 ? 1.739   -1.947  1.112   1.00 4.47  ? 3   DC  A C4    1 
ATOM   55  N  N4    . DC  A 1 3 ? 1.738   -3.317  1.532   1.00 7.36  ? 3   DC  A N4    1 
ATOM   56  C  C5    . DC  A 1 3 ? 2.746   -1.541  0.193   1.00 4.84  ? 3   DC  A C5    1 
ATOM   57  C  C6    . DC  A 1 3 ? 2.627   -0.211  -0.143  1.00 6.35  ? 3   DC  A C6    1 
ATOM   58  P  P     . DG  A 1 4 ? 1.293   6.407   -0.271  1.00 8.06  ? 4   DG  A P     1 
ATOM   59  O  OP1   . DG  A 1 4 ? 2.362   7.081   0.428   1.00 9.12  ? 4   DG  A OP1   1 
ATOM   60  O  OP2   . DG  A 1 4 ? -0.233  6.737   -0.067  1.00 11.03 ? 4   DG  A OP2   1 
ATOM   61  O  "O5'" . DG  A 1 4 ? 1.577   6.588   -1.824  1.00 5.23  ? 4   DG  A "O5'" 1 
ATOM   62  C  "C5'" . DG  A 1 4 ? 0.613   6.094   -2.672  1.00 6.47  ? 4   DG  A "C5'" 1 
ATOM   63  C  "C4'" . DG  A 1 4 ? 1.241   6.309   -4.133  1.00 5.95  ? 4   DG  A "C4'" 1 
ATOM   64  O  "O4'" . DG  A 1 4 ? 2.292   5.388   -4.255  1.00 6.07  ? 4   DG  A "O4'" 1 
ATOM   65  C  "C3'" . DG  A 1 4 ? 0.265   5.795   -5.349  1.00 6.32  ? 4   DG  A "C3'" 1 
ATOM   66  O  "O3'" . DG  A 1 4 ? -0.382  7.011   -5.726  1.00 5.26  ? 4   DG  A "O3'" 1 
ATOM   67  C  "C2'" . DG  A 1 4 ? 1.081   5.288   -6.405  1.00 5.14  ? 4   DG  A "C2'" 1 
ATOM   68  C  "C1'" . DG  A 1 4 ? 2.391   4.760   -5.604  1.00 4.79  ? 4   DG  A "C1'" 1 
ATOM   69  N  N9    . DG  A 1 4 ? 2.369   3.280   -5.243  1.00 5.16  ? 4   DG  A N9    1 
ATOM   70  C  C8    . DG  A 1 4 ? 3.455   2.496   -5.618  1.00 6.17  ? 4   DG  A C8    1 
ATOM   71  N  N7    . DG  A 1 4 ? 3.364   1.278   -5.321  1.00 4.42  ? 4   DG  A N7    1 
ATOM   72  C  C5    . DG  A 1 4 ? 2.189   1.261   -4.602  1.00 2.95  ? 4   DG  A C5    1 
ATOM   73  C  C6    . DG  A 1 4 ? 1.665   0.366   -4.087  1.00 8.96  ? 4   DG  A C6    1 
ATOM   74  O  O6    . DG  A 1 4 ? 1.903   -0.991  -3.919  1.00 6.60  ? 4   DG  A O6    1 
ATOM   75  N  N1    . DG  A 1 4 ? 0.313   0.586   -3.288  1.00 3.10  ? 4   DG  A N1    1 
ATOM   76  C  C2    . DG  A 1 4 ? -0.080  1.902   -3.315  1.00 5.51  ? 4   DG  A C2    1 
ATOM   77  N  N2    . DG  A 1 4 ? -1.203  2.001   -2.483  1.00 5.15  ? 4   DG  A N2    1 
ATOM   78  N  N3    . DG  A 1 4 ? 0.436   2.905   -3.886  1.00 4.09  ? 4   DG  A N3    1 
ATOM   79  C  C4    . DG  A 1 4 ? 1.602   2.466   -4.462  1.00 5.03  ? 4   DG  A C4    1 
ATOM   80  P  P     . DC  A 1 5 ? -1.570  6.900   -6.872  1.00 7.88  ? 5   DC  A P     1 
ATOM   81  O  OP1   . DC  A 1 5 ? -1.291  5.846   -7.952  1.00 11.70 ? 5   DC  A OP1   1 
ATOM   82  O  OP2   . DC  A 1 5 ? -1.876  8.224   -7.440  1.00 15.18 ? 5   DC  A OP2   1 
ATOM   83  O  "O5'" . DC  A 1 5 ? -2.773  6.340   -5.979  1.00 5.15  ? 5   DC  A "O5'" 1 
ATOM   84  C  "C5'" . DC  A 1 5 ? -4.117  6.376   -6.549  1.00 3.43  ? 5   DC  A "C5'" 1 
ATOM   85  C  "C4'" . DC  A 1 5 ? -4.912  5.426   -5.725  1.00 3.37  ? 5   DC  A "C4'" 1 
ATOM   86  O  "O4'" . DC  A 1 5 ? -4.610  4.084   -6.264  1.00 5.47  ? 5   DC  A "O4'" 1 
ATOM   87  C  "C3'" . DC  A 1 5 ? -4.802  5.292   -4.272  1.00 4.33  ? 5   DC  A "C3'" 1 
ATOM   88  O  "O3'" . DC  A 1 5 ? -6.028  5.037   -3.644  1.00 6.58  ? 5   DC  A "O3'" 1 
ATOM   89  C  "C2'" . DC  A 1 5 ? -3.826  4.165   -4.060  1.00 5.75  ? 5   DC  A "C2'" 1 
ATOM   90  C  "C1'" . DC  A 1 5 ? -4.367  3.186   -5.144  1.00 3.99  ? 5   DC  A "C1'" 1 
ATOM   91  N  N1    . DC  A 1 5 ? -3.264  2.326   -5.709  1.00 4.38  ? 5   DC  A N1    1 
ATOM   92  C  C2    . DC  A 1 5 ? -3.139  0.941   -5.211  1.00 3.68  ? 5   DC  A C2    1 
ATOM   93  O  O2    . DC  A 1 5 ? -4.016  0.556   -4.528  1.00 5.31  ? 5   DC  A O2    1 
ATOM   94  N  N3    . DC  A 1 5 ? -2.188  0.202   -5.705  1.00 4.23  ? 5   DC  A N3    1 
ATOM   95  C  C4    . DC  A 1 5 ? -1.273  0.707   -6.489  1.00 4.48  ? 5   DC  A C4    1 
ATOM   96  N  N4    . DC  A 1 5 ? -0.239  -0.125  -6.934  1.00 4.29  ? 5   DC  A N4    1 
ATOM   97  C  C5    . DC  A 1 5 ? -1.171  2.079   -6.962  1.00 3.75  ? 5   DC  A C5    1 
ATOM   98  C  C6    . DC  A 1 5 ? -2.274  2.963   -6.500  1.00 5.59  ? 5   DC  A C6    1 
ATOM   99  P  P     . DG  A 1 6 ? -6.965  6.267   -3.110  1.00 6.49  ? 6   DG  A P     1 
ATOM   100 O  OP1   . DG  A 1 6 ? -6.142  7.281   -2.457  1.00 7.44  ? 6   DG  A OP1   1 
ATOM   101 O  OP2   . DG  A 1 6 ? -7.969  5.616   -2.314  1.00 9.52  ? 6   DG  A OP2   1 
ATOM   102 O  "O5'" . DG  A 1 6 ? -7.581  6.851   -4.454  1.00 5.03  ? 6   DG  A "O5'" 1 
ATOM   103 C  "C5'" . DG  A 1 6 ? -8.715  6.227   -5.185  1.00 5.15  ? 6   DG  A "C5'" 1 
ATOM   104 C  "C4'" . DG  A 1 6 ? -8.994  7.148   -6.291  1.00 4.27  ? 6   DG  A "C4'" 1 
ATOM   105 O  "O4'" . DG  A 1 6 ? -7.868  7.221   -7.145  1.00 5.00  ? 6   DG  A "O4'" 1 
ATOM   106 C  "C3'" . DG  A 1 6 ? -10.143 6.644   -7.131  1.00 3.69  ? 6   DG  A "C3'" 1 
ATOM   107 O  "O3'" . DG  A 1 6 ? -10.912 7.806   -7.617  1.00 5.67  ? 6   DG  A "O3'" 1 
ATOM   108 C  "C2'" . DG  A 1 6 ? -9.550  5.924   -8.340  1.00 6.54  ? 6   DG  A "C2'" 1 
ATOM   109 C  "C1'" . DG  A 1 6 ? -8.162  6.743   -8.472  1.00 5.37  ? 6   DG  A "C1'" 1 
ATOM   110 N  N9    . DG  A 1 6 ? -7.142  6.054   -8.981  1.00 5.55  ? 6   DG  A N9    1 
ATOM   111 C  C8    . DG  A 1 6 ? -6.181  6.624   -9.792  1.00 6.18  ? 6   DG  A C8    1 
ATOM   112 N  N7    . DG  A 1 6 ? -5.100  5.755   -10.176 1.00 5.40  ? 6   DG  A N7    1 
ATOM   113 C  C5    . DG  A 1 6 ? -5.437  4.542   -9.443  1.00 5.23  ? 6   DG  A C5    1 
ATOM   114 C  C6    . DG  A 1 6 ? -4.835  3.325   -9.444  1.00 3.25  ? 6   DG  A C6    1 
ATOM   115 O  O6    . DG  A 1 6 ? -3.846  3.044   -10.073 1.00 6.14  ? 6   DG  A O6    1 
ATOM   116 N  N1    . DG  A 1 6 ? -5.489  2.368   -8.681  1.00 5.07  ? 6   DG  A N1    1 
ATOM   117 C  C2    . DG  A 1 6 ? -6.703  2.611   -7.863  1.00 6.53  ? 6   DG  A C2    1 
ATOM   118 N  N2    . DG  A 1 6 ? -7.153  1.642   -7.109  1.00 5.10  ? 6   DG  A N2    1 
ATOM   119 N  N3    . DG  A 1 6 ? -7.272  3.823   -7.960  1.00 5.68  ? 6   DG  A N3    1 
ATOM   120 C  C4    . DG  A 1 6 ? -6.704  4.774   -8.715  1.00 5.14  ? 6   DG  A C4    1 
ATOM   121 O  "O5'" . DC  B 1 1 ? -3.300  -6.150  -8.680  1.00 11.91 ? 7   DC  B "O5'" 1 
ATOM   122 C  "C5'" . DC  B 1 1 ? -3.461  -6.475  -7.118  1.00 8.30  ? 7   DC  B "C5'" 1 
ATOM   123 C  "C4'" . DC  B 1 1 ? -4.482  -5.596  -6.625  1.00 4.14  ? 7   DC  B "C4'" 1 
ATOM   124 O  "O4'" . DC  B 1 1 ? -4.074  -4.365  -6.482  1.00 4.43  ? 7   DC  B "O4'" 1 
ATOM   125 C  "C3'" . DC  B 1 1 ? -5.868  -5.605  -7.248  1.00 5.23  ? 7   DC  B "C3'" 1 
ATOM   126 O  "O3'" . DC  B 1 1 ? -6.900  -5.532  -6.327  1.00 3.61  ? 7   DC  B "O3'" 1 
ATOM   127 C  "C2'" . DC  B 1 1 ? -5.930  -4.362  -8.048  1.00 4.25  ? 7   DC  B "C2'" 1 
ATOM   128 C  "C1'" . DC  B 1 1 ? -5.109  -3.488  -7.060  1.00 3.79  ? 7   DC  B "C1'" 1 
ATOM   129 N  N1    . DC  B 1 1 ? -4.293  -2.428  -7.791  1.00 4.53  ? 7   DC  B N1    1 
ATOM   130 C  C2    . DC  B 1 1 ? -4.836  -1.111  -7.879  1.00 5.39  ? 7   DC  B C2    1 
ATOM   131 O  O2    . DC  B 1 1 ? -5.889  -0.886  -7.220  1.00 5.19  ? 7   DC  B O2    1 
ATOM   132 N  N3    . DC  B 1 1 ? -4.152  -0.168  -8.514  1.00 5.26  ? 7   DC  B N3    1 
ATOM   133 C  C4    . DC  B 1 1 ? -2.952  -0.349  -9.242  1.00 4.98  ? 7   DC  B C4    1 
ATOM   134 N  N4    . DC  B 1 1 ? -2.527  0.571   -9.841  1.00 6.20  ? 7   DC  B N4    1 
ATOM   135 C  C5    . DC  B 1 1 ? -2.419  -1.586  -9.198  1.00 6.90  ? 7   DC  B C5    1 
ATOM   136 C  C6    . DC  B 1 1 ? -3.000  -2.608  -8.534  1.00 9.66  ? 7   DC  B C6    1 
ATOM   137 P  P     . DG  B 1 2 ? -7.668  -6.805  -5.660  1.00 4.64  ? 8   DG  B P     1 
ATOM   138 O  OP1   . DG  B 1 2 ? -7.846  -7.864  -6.665  1.00 5.69  ? 8   DG  B OP1   1 
ATOM   139 O  OP2   . DG  B 1 2 ? -8.821  -6.301  -4.925  1.00 5.78  ? 8   DG  B OP2   1 
ATOM   140 O  "O5'" . DG  B 1 2 ? -6.635  -7.346  -4.621  1.00 4.22  ? 8   DG  B "O5'" 1 
ATOM   141 C  "C5'" . DG  B 1 2 ? -6.255  -6.514  -3.498  1.00 3.42  ? 8   DG  B "C5'" 1 
ATOM   142 C  "C4'" . DG  B 1 2 ? -5.130  -7.250  -2.735  1.00 4.63  ? 8   DG  B "C4'" 1 
ATOM   143 O  "O4'" . DG  B 1 2 ? -3.952  -7.453  -3.584  1.00 3.97  ? 8   DG  B "O4'" 1 
ATOM   144 C  "C3'" . DG  B 1 2 ? -4.631  -6.428  -1.588  1.00 6.71  ? 8   DG  B "C3'" 1 
ATOM   145 O  "O3'" . DG  B 1 2 ? -5.264  -6.814  -0.393  1.00 4.03  ? 8   DG  B "O3'" 1 
ATOM   146 C  "C2'" . DG  B 1 2 ? -2.976  -6.825  -1.497  1.00 5.93  ? 8   DG  B "C2'" 1 
ATOM   147 C  "C1'" . DG  B 1 2 ? -2.749  -7.291  -2.914  1.00 3.71  ? 8   DG  B "C1'" 1 
ATOM   148 N  N9    . DG  B 1 2 ? -1.941  -6.363  -3.571  1.00 4.09  ? 8   DG  B N9    1 
ATOM   149 C  C8    . DG  B 1 2 ? -0.814  -6.800  -4.207  1.00 5.32  ? 8   DG  B C8    1 
ATOM   150 N  N7    . DG  B 1 2 ? -0.295  -5.739  -4.997  1.00 4.06  ? 8   DG  B N7    1 
ATOM   151 C  C5    . DG  B 1 2 ? -1.070  -4.698  -4.771  1.00 5.00  ? 8   DG  B C5    1 
ATOM   152 C  C6    . DG  B 1 2 ? -1.021  -3.261  -5.359  1.00 3.76  ? 8   DG  B C6    1 
ATOM   153 O  O6    . DG  B 1 2 ? -0.274  -2.828  -6.087  1.00 5.88  ? 8   DG  B O6    1 
ATOM   154 N  N1    . DG  B 1 2 ? -2.160  -2.598  -4.733  1.00 4.18  ? 8   DG  B N1    1 
ATOM   155 C  C2    . DG  B 1 2 ? -3.187  -3.062  -3.955  1.00 4.44  ? 8   DG  B C2    1 
ATOM   156 N  N2    . DG  B 1 2 ? -4.146  -2.175  -3.645  1.00 4.82  ? 8   DG  B N2    1 
ATOM   157 N  N3    . DG  B 1 2 ? -3.205  -4.288  -3.529  1.00 2.97  ? 8   DG  B N3    1 
ATOM   158 C  C4    . DG  B 1 2 ? -2.120  -5.055  -3.945  1.00 4.52  ? 8   DG  B C4    1 
ATOM   159 P  P     . DC  B 1 3 ? -6.169  -5.827  0.404   1.00 4.39  ? 9   DC  B P     1 
ATOM   160 O  OP1   . DC  B 1 3 ? -6.853  -6.613  1.356   1.00 4.54  ? 9   DC  B OP1   1 
ATOM   161 O  OP2   . DC  B 1 3 ? -6.970  -5.032  -0.501  1.00 6.53  ? 9   DC  B OP2   1 
ATOM   162 O  "O5'" . DC  B 1 3 ? -5.096  -4.871  1.098   1.00 4.79  ? 9   DC  B "O5'" 1 
ATOM   163 C  "C5'" . DC  B 1 3 ? -5.266  -4.289  2.390   1.00 4.61  ? 9   DC  B "C5'" 1 
ATOM   164 C  "C4'" . DC  B 1 3 ? -5.062  -2.798  2.289   1.00 3.36  ? 9   DC  B "C4'" 1 
ATOM   165 O  "O4'" . DC  B 1 3 ? -3.752  -2.534  1.995   1.00 3.90  ? 9   DC  B "O4'" 1 
ATOM   166 C  "C3'" . DC  B 1 3 ? -5.940  -2.097  1.355   1.00 5.10  ? 9   DC  B "C3'" 1 
ATOM   167 O  "O3'" . DC  B 1 3 ? -6.288  -0.763  1.790   1.00 4.77  ? 9   DC  B "O3'" 1 
ATOM   168 C  "C2'" . DC  B 1 3 ? -4.978  -1.875  0.067   1.00 3.93  ? 9   DC  B "C2'" 1 
ATOM   169 C  "C1'" . DC  B 1 3 ? -3.748  -1.558  0.927   1.00 5.00  ? 9   DC  B "C1'" 1 
ATOM   170 N  N1    . DC  B 1 3 ? -2.482  -1.989  0.053   1.00 4.47  ? 9   DC  B N1    1 
ATOM   171 C  C2    . DC  B 1 3 ? -1.860  -1.067  -0.740  1.00 4.56  ? 9   DC  B C2    1 
ATOM   172 O  O2    . DC  B 1 3 ? -2.404  0.026   -0.818  1.00 4.62  ? 9   DC  B O2    1 
ATOM   173 N  N3    . DC  B 1 3 ? -0.783  -1.469  -1.504  1.00 4.97  ? 9   DC  B N3    1 
ATOM   174 C  C4    . DC  B 1 3 ? -0.289  -2.669  -1.497  1.00 4.08  ? 9   DC  B C4    1 
ATOM   175 N  N4    . DC  B 1 3 ? 0.778   -2.993  -2.312  1.00 7.05  ? 9   DC  B N4    1 
ATOM   176 C  C5    . DC  B 1 3 ? -0.914  -3.734  -0.655  1.00 6.04  ? 9   DC  B C5    1 
ATOM   177 C  C6    . DC  B 1 3 ? -2.013  -3.358  0.052   1.00 7.05  ? 9   DC  B C6    1 
ATOM   178 P  P     . DG  B 1 4 ? -7.604  -0.478  2.567   1.00 6.17  ? 10  DG  B P     1 
ATOM   179 O  OP1   . DG  B 1 4 ? -8.732  -1.219  1.900   1.00 7.88  ? 10  DG  B OP1   1 
ATOM   180 O  OP2   . DG  B 1 4 ? -7.659  1.048   2.700   1.00 8.57  ? 10  DG  B OP2   1 
ATOM   181 O  "O5'" . DG  B 1 4 ? -7.445  -1.070  4.000   1.00 4.87  ? 10  DG  B "O5'" 1 
ATOM   182 C  "C5'" . DG  B 1 4 ? -6.361  -0.467  4.933   1.00 6.31  ? 10  DG  B "C5'" 1 
ATOM   183 C  "C4'" . DG  B 1 4 ? -6.328  -1.304  6.178   1.00 5.25  ? 10  DG  B "C4'" 1 
ATOM   184 O  "O4'" . DG  B 1 4 ? -5.990  -2.563  5.883   1.00 5.35  ? 10  DG  B "O4'" 1 
ATOM   185 C  "C3'" . DG  B 1 4 ? -5.181  -0.782  7.151   1.00 5.26  ? 10  DG  B "C3'" 1 
ATOM   186 O  "O3'" . DG  B 1 4 ? -5.952  0.171   8.087   1.00 5.61  ? 10  DG  B "O3'" 1 
ATOM   187 C  "C2'" . DG  B 1 4 ? -4.653  -1.786  7.943   1.00 7.23  ? 10  DG  B "C2'" 1 
ATOM   188 C  "C1'" . DG  B 1 4 ? -5.110  -2.997  6.881   1.00 8.30  ? 10  DG  B "C1'" 1 
ATOM   189 N  N9    . DG  B 1 4 ? -3.828  -3.474  6.013   1.00 6.39  ? 10  DG  B N9    1 
ATOM   190 C  C8    . DG  B 1 4 ? -3.551  -4.726  6.047   1.00 9.13  ? 10  DG  B C8    1 
ATOM   191 N  N7    . DG  B 1 4 ? -2.617  -4.953  5.227   1.00 7.13  ? 10  DG  B N7    1 
ATOM   192 C  C5    . DG  B 1 4 ? -2.156  -3.802  4.723   1.00 4.13  ? 10  DG  B C5    1 
ATOM   193 C  C6    . DG  B 1 4 ? -1.153  -3.392  3.846   1.00 8.15  ? 10  DG  B C6    1 
ATOM   194 O  O6    . DG  B 1 4 ? -0.310  -4.171  3.296   1.00 5.74  ? 10  DG  B O6    1 
ATOM   195 N  N1    . DG  B 1 4 ? -1.215  -2.033  3.654   1.00 3.52  ? 10  DG  B N1    1 
ATOM   196 C  C2    . DG  B 1 4 ? -2.110  -1.185  4.207   1.00 5.52  ? 10  DG  B C2    1 
ATOM   197 N  N2    . DG  B 1 4 ? -1.966  0.106   3.793   1.00 6.25  ? 10  DG  B N2    1 
ATOM   198 N  N3    . DG  B 1 4 ? -3.021  -1.586  5.003   1.00 4.14  ? 10  DG  B N3    1 
ATOM   199 C  C4    . DG  B 1 4 ? -2.955  -2.845  5.344   1.00 5.70  ? 10  DG  B C4    1 
ATOM   200 P  P     . DC  B 1 5 ? -5.611  1.736   8.178   1.00 6.27  ? 11  DC  B P     1 
ATOM   201 O  OP1   . DC  B 1 5 ? -6.493  2.208   9.253   1.00 7.15  ? 11  DC  B OP1   1 
ATOM   202 O  OP2   . DC  B 1 5 ? -5.692  2.305   6.822   1.00 8.03  ? 11  DC  B OP2   1 
ATOM   203 O  "O5'" . DC  B 1 5 ? -4.132  1.760   8.625   1.00 5.64  ? 11  DC  B "O5'" 1 
ATOM   204 C  "C5'" . DC  B 1 5 ? -3.494  2.741   9.517   1.00 5.81  ? 11  DC  B "C5'" 1 
ATOM   205 C  "C4'" . DC  B 1 5 ? -2.352  3.263   9.047   1.00 5.55  ? 11  DC  B "C4'" 1 
ATOM   206 O  "O4'" . DC  B 1 5 ? -1.368  2.363   8.903   1.00 5.29  ? 11  DC  B "O4'" 1 
ATOM   207 C  "C3'" . DC  B 1 5 ? -2.617  3.870   7.351   1.00 7.12  ? 11  DC  B "C3'" 1 
ATOM   208 O  "O3'" . DC  B 1 5 ? -1.741  5.045   7.363   1.00 6.69  ? 11  DC  B "O3'" 1 
ATOM   209 C  "C2'" . DC  B 1 5 ? -2.021  2.505   6.609   1.00 16.60 ? 11  DC  B "C2'" 1 
ATOM   210 C  "C1'" . DC  B 1 5 ? -0.821  2.216   7.597   1.00 7.32  ? 11  DC  B "C1'" 1 
ATOM   211 N  N1    . DC  B 1 5 ? -0.416  0.796   7.329   1.00 5.60  ? 11  DC  B N1    1 
ATOM   212 C  C2    . DC  B 1 5 ? 0.547   0.585   6.376   1.00 6.71  ? 11  DC  B C2    1 
ATOM   213 O  O2    . DC  B 1 5 ? 1.134   1.465   5.772   1.00 7.80  ? 11  DC  B O2    1 
ATOM   214 N  N3    . DC  B 1 5 ? 0.843   -0.841  6.282   1.00 6.96  ? 11  DC  B N3    1 
ATOM   215 C  C4    . DC  B 1 5 ? 0.286   -1.968  7.002   1.00 11.52 ? 11  DC  B C4    1 
ATOM   216 N  N4    . DC  B 1 5 ? 0.654   -3.091  6.815   1.00 7.50  ? 11  DC  B N4    1 
ATOM   217 C  C5    . DC  B 1 5 ? -0.824  -1.540  7.945   1.00 6.68  ? 11  DC  B C5    1 
ATOM   218 C  C6    . DC  B 1 5 ? -0.999  -0.166  7.957   1.00 10.39 ? 11  DC  B C6    1 
ATOM   219 P  P     . DG  B 1 6 ? -2.439  6.453   7.477   1.00 7.12  ? 12  DG  B P     1 
ATOM   220 O  OP1   . DG  B 1 6 ? -3.654  6.463   6.665   1.00 10.42 ? 12  DG  B OP1   1 
ATOM   221 O  OP2   . DG  B 1 6 ? -1.400  7.465   7.030   1.00 8.46  ? 12  DG  B OP2   1 
ATOM   222 O  "O5'" . DG  B 1 6 ? -2.832  6.608   8.949   1.00 6.37  ? 12  DG  B "O5'" 1 
ATOM   223 C  "C5'" . DG  B 1 6 ? -1.901  6.921   9.978   1.00 6.49  ? 12  DG  B "C5'" 1 
ATOM   224 C  "C4'" . DG  B 1 6 ? -2.589  6.983   11.264  1.00 6.21  ? 12  DG  B "C4'" 1 
ATOM   225 O  "O4'" . DG  B 1 6 ? -2.865  5.595   11.667  1.00 5.24  ? 12  DG  B "O4'" 1 
ATOM   226 C  "C3'" . DG  B 1 6 ? -1.596  7.543   12.452  1.00 8.59  ? 12  DG  B "C3'" 1 
ATOM   227 O  "O3'" . DG  B 1 6 ? -2.396  8.037   13.502  1.00 8.29  ? 12  DG  B "O3'" 1 
ATOM   228 C  "C2'" . DG  B 1 6 ? -0.919  6.215   12.920  1.00 5.42  ? 12  DG  B "C2'" 1 
ATOM   229 C  "C1'" . DG  B 1 6 ? -2.176  5.233   12.919  1.00 6.78  ? 12  DG  B "C1'" 1 
ATOM   230 N  N9    . DG  B 1 6 ? -1.808  3.844   12.784  1.00 3.92  ? 12  DG  B N9    1 
ATOM   231 C  C8    . DG  B 1 6 ? -2.532  2.786   13.364  1.00 4.53  ? 12  DG  B C8    1 
ATOM   232 N  N7    . DG  B 1 6 ? -2.081  1.623   13.171  1.00 6.03  ? 12  DG  B N7    1 
ATOM   233 C  C5    . DG  B 1 6 ? -1.038  1.901   12.275  1.00 4.34  ? 12  DG  B C5    1 
ATOM   234 C  C6    . DG  B 1 6 ? -0.233  0.920   11.636  1.00 5.86  ? 12  DG  B C6    1 
ATOM   235 O  O6    . DG  B 1 6 ? -0.228  -0.361  11.716  1.00 5.46  ? 12  DG  B O6    1 
ATOM   236 N  N1    . DG  B 1 6 ? 0.751   1.550   10.936  1.00 4.65  ? 12  DG  B N1    1 
ATOM   237 C  C2    . DG  B 1 6 ? 0.920   2.942   10.802  1.00 4.58  ? 12  DG  B C2    1 
ATOM   238 N  N2    . DG  B 1 6 ? 1.816   3.309   9.932   1.00 5.53  ? 12  DG  B N2    1 
ATOM   239 N  N3    . DG  B 1 6 ? 0.069   3.841   11.284  1.00 3.34  ? 12  DG  B N3    1 
ATOM   240 C  C4    . DG  B 1 6 ? -0.792  3.241   11.958  1.00 4.91  ? 12  DG  B C4    1 
HETATM 241 MG MG    . MG  C 2 . ? 13.181  3.202   -3.114  1.00 55.17 ? 104 MG  A MG    1 
HETATM 242 N  N1    . 104 D 3 . ? -1.382  4.157   2.765   1.00 22.76 ? 13  104 A N1    1 
HETATM 243 C  C2    . 104 D 3 . ? -1.598  3.540   1.380   1.00 21.06 ? 13  104 A C2    1 
HETATM 244 C  C3    . 104 D 3 . ? -2.557  2.578   0.688   1.00 15.01 ? 13  104 A C3    1 
HETATM 245 N  N4    . 104 D 3 . ? -3.891  3.315   0.713   1.00 49.11 ? 13  104 A N4    1 
HETATM 246 C  C5    . 104 D 3 . ? -5.360  3.685   1.023   1.00 4.10  ? 13  104 A C5    1 
HETATM 247 C  C6    . 104 D 3 . ? -6.474  4.603   0.567   1.00 30.44 ? 13  104 A C6    1 
HETATM 248 N  N7    . 104 D 3 . ? -6.762  3.578   -0.559  1.00 28.74 ? 13  104 A N7    1 
HETATM 249 C  C8    . 104 D 3 . ? -7.036  2.205   -1.461  1.00 37.00 ? 13  104 A C8    1 
HETATM 250 C  C9    . 104 D 3 . ? -5.943  1.304   -2.247  1.00 9.80  ? 13  104 A C9    1 
HETATM 251 N  N10   . 104 D 3 . ? -4.667  1.093   -1.524  1.00 18.09 ? 13  104 A N10   1 
HETATM 252 N  N1    . 104 E 3 . ? 1.520   -9.247  -0.541  1.00 4.44  ? 14  104 B N1    1 
HETATM 253 C  C2    . 104 E 3 . ? 0.319   -9.410  -1.439  1.00 10.36 ? 14  104 B C2    1 
HETATM 254 C  C3    . 104 E 3 . ? -0.986  -9.731  -0.931  1.00 9.61  ? 14  104 B C3    1 
HETATM 255 N  N4    . 104 E 3 . ? -1.556  -9.922  0.430   1.00 38.68 ? 14  104 B N4    1 
HETATM 256 C  C5    . 104 E 3 . ? -3.028  -9.633  0.556   1.00 10.56 ? 14  104 B C5    1 
HETATM 257 C  C6    . 104 E 3 . ? -3.500  -8.867  1.764   1.00 20.04 ? 14  104 B C6    1 
HETATM 258 N  N7    . 104 E 3 . ? -4.457  -9.743  2.566   1.00 17.16 ? 14  104 B N7    1 
HETATM 259 C  C8    . 104 E 3 . ? -5.667  -10.583 2.855   1.00 9.63  ? 14  104 B C8    1 
HETATM 260 C  C9    . 104 E 3 . ? -6.598  -10.506 4.062   1.00 19.84 ? 14  104 B C9    1 
HETATM 261 N  N10   . 104 E 3 . ? -7.815  -11.377 3.922   1.00 14.53 ? 14  104 B N10   1 
HETATM 262 O  O     . HOH F 4 . ? 5.387   -6.557  -1.848  1.00 24.17 ? 17  HOH A O     1 
HETATM 263 O  O     . HOH F 4 . ? 10.194  5.204   -7.747  1.00 25.90 ? 21  HOH A O     1 
HETATM 264 O  O     . HOH F 4 . ? 9.970   7.594   -9.596  1.00 8.23  ? 26  HOH A O     1 
HETATM 265 O  O     . HOH F 4 . ? 10.094  -0.331  -7.603  1.00 30.00 ? 27  HOH A O     1 
HETATM 266 O  O     . HOH F 4 . ? 10.815  2.090   8.847   1.00 20.84 ? 31  HOH A O     1 
HETATM 267 O  O     . HOH F 4 . ? 12.077  0.114   8.145   1.00 27.82 ? 33  HOH A O     1 
HETATM 268 O  O     . HOH F 4 . ? 11.068  6.809   -11.961 1.00 28.38 ? 34  HOH A O     1 
HETATM 269 O  O     . HOH F 4 . ? 12.961  3.477   6.388   1.00 26.74 ? 35  HOH A O     1 
HETATM 270 O  O     . HOH F 4 . ? 14.194  2.150   7.143   1.00 40.22 ? 36  HOH A O     1 
HETATM 271 O  O     . HOH F 4 . ? 4.704   6.672   -3.662  1.00 13.51 ? 37  HOH A O     1 
HETATM 272 O  O     . HOH F 4 . ? 8.290   9.929   -4.174  1.00 16.61 ? 39  HOH A O     1 
HETATM 273 O  O     . HOH F 4 . ? 9.928   7.956   -4.756  1.00 19.72 ? 40  HOH A O     1 
HETATM 274 O  O     . HOH F 4 . ? 9.511   1.522   -6.275  1.00 66.64 ? 41  HOH A O     1 
HETATM 275 O  O     . HOH F 4 . ? 7.361   -4.145  -0.930  1.00 11.79 ? 42  HOH A O     1 
HETATM 276 O  O     . HOH F 4 . ? 12.332  5.783   -6.435  1.00 7.44  ? 43  HOH A O     1 
HETATM 277 O  O     . HOH F 4 . ? 11.175  6.263   -9.821  1.00 31.25 ? 44  HOH A O     1 
HETATM 278 O  O     . HOH F 4 . ? 8.845   -1.794  -5.215  1.00 24.45 ? 45  HOH A O     1 
HETATM 279 O  O     . HOH F 4 . ? 12.095  -1.461  -5.491  1.00 32.59 ? 46  HOH A O     1 
HETATM 280 O  O     . HOH F 4 . ? 9.383   -6.858  -3.225  1.00 8.00  ? 47  HOH A O     1 
HETATM 281 O  O     . HOH F 4 . ? 11.191  8.229   -7.285  1.00 7.89  ? 49  HOH A O     1 
HETATM 282 O  O     . HOH F 4 . ? 7.072   3.117   -4.026  1.00 10.53 ? 50  HOH A O     1 
HETATM 283 O  O     . HOH F 4 . ? 5.436   7.151   -1.125  1.00 32.60 ? 51  HOH A O     1 
HETATM 284 O  O     . HOH F 4 . ? 5.092   -3.337  -1.768  1.00 15.65 ? 53  HOH A O     1 
HETATM 285 O  O     . HOH F 4 . ? 4.568   -1.084  -2.792  1.00 15.65 ? 54  HOH A O     1 
HETATM 286 O  O     . HOH F 4 . ? 2.517   -5.875  3.619   1.00 13.71 ? 55  HOH A O     1 
HETATM 287 O  O     . HOH F 4 . ? 14.216  6.334   -4.467  1.00 9.46  ? 56  HOH A O     1 
HETATM 288 O  O     . HOH F 4 . ? 4.593   -5.267  6.600   1.00 34.98 ? 57  HOH A O     1 
HETATM 289 O  O     . HOH F 4 . ? 9.713   8.611   -0.283  1.00 25.83 ? 58  HOH A O     1 
HETATM 290 O  O     . HOH F 4 . ? 2.663   5.224   3.834   1.00 20.15 ? 59  HOH A O     1 
HETATM 291 O  O     . HOH F 4 . ? 8.336   5.685   -4.103  1.00 25.74 ? 61  HOH A O     1 
HETATM 292 O  O     . HOH F 4 . ? 11.885  9.126   -3.354  1.00 44.59 ? 64  HOH A O     1 
HETATM 293 O  O     . HOH F 4 . ? 8.778   5.907   -0.979  1.00 55.80 ? 65  HOH A O     1 
HETATM 294 O  O     . HOH F 4 . ? 6.333   1.385   -8.190  1.00 36.09 ? 68  HOH A O     1 
HETATM 295 O  O     . HOH F 4 . ? -2.184  4.552   -0.982  1.00 12.61 ? 72  HOH A O     1 
HETATM 296 O  O     . HOH F 4 . ? 7.623   6.612   -3.102  1.00 30.93 ? 73  HOH A O     1 
HETATM 297 O  O     . HOH F 4 . ? 4.402   9.261   -4.033  1.00 31.01 ? 74  HOH A O     1 
HETATM 298 O  O     . HOH F 4 . ? -0.472  9.924   -2.540  1.00 28.15 ? 75  HOH A O     1 
HETATM 299 O  O     . HOH F 4 . ? 5.945   -1.716  -6.263  1.00 31.37 ? 79  HOH A O     1 
HETATM 300 O  O     . HOH F 4 . ? 0.191   3.200   3.715   1.00 13.81 ? 81  HOH A O     1 
HETATM 301 O  O     . HOH F 4 . ? 10.981  4.439   -3.626  1.00 46.76 ? 82  HOH A O     1 
HETATM 302 O  O     . HOH F 4 . ? 10.076  5.978   -1.160  1.00 51.02 ? 83  HOH A O     1 
HETATM 303 O  O     . HOH F 4 . ? 7.295   8.712   0.929   1.00 27.28 ? 84  HOH A O     1 
HETATM 304 O  O     . HOH F 4 . ? 3.237   10.609  -1.863  1.00 14.84 ? 85  HOH A O     1 
HETATM 305 O  O     . HOH F 4 . ? 3.963   -4.716  0.026   1.00 18.09 ? 86  HOH A O     1 
HETATM 306 O  O     . HOH F 4 . ? 7.633   -1.405  -1.122  1.00 28.88 ? 87  HOH A O     1 
HETATM 307 O  O     . HOH F 4 . ? 9.025   -0.171  -2.959  1.00 20.96 ? 88  HOH A O     1 
HETATM 308 O  O     . HOH F 4 . ? 6.890   -3.698  -4.005  1.00 29.88 ? 89  HOH A O     1 
HETATM 309 O  O     . HOH F 4 . ? 10.044  -3.632  -3.319  1.00 34.13 ? 90  HOH A O     1 
HETATM 310 O  O     . HOH F 4 . ? 6.559   0.345   -3.834  1.00 18.17 ? 91  HOH A O     1 
HETATM 311 O  O     . HOH F 4 . ? 10.190  2.094   -4.326  1.00 27.51 ? 92  HOH A O     1 
HETATM 312 O  O     . HOH F 4 . ? 7.312   -0.042  -6.611  1.00 41.66 ? 93  HOH A O     1 
HETATM 313 O  O     . HOH F 4 . ? 4.413   -4.300  -4.214  1.00 37.46 ? 97  HOH A O     1 
HETATM 314 O  O     . HOH F 4 . ? 9.845   0.620   -11.242 1.00 54.52 ? 99  HOH A O     1 
HETATM 315 O  O     . HOH F 4 . ? 9.155   5.663   -13.598 1.00 11.40 ? 101 HOH A O     1 
HETATM 316 O  O     . HOH F 4 . ? 8.804   5.178   -9.701  1.00 5.98  ? 102 HOH A O     1 
HETATM 317 O  O     . HOH F 4 . ? 7.324   5.751   -11.198 1.00 47.86 ? 103 HOH A O     1 
HETATM 318 O  O     . HOH G 4 . ? -5.698  2.280   2.163   1.00 42.87 ? 15  HOH B O     1 
HETATM 319 O  O     . HOH G 4 . ? 2.278   -5.858  -6.334  1.00 12.99 ? 16  HOH B O     1 
HETATM 320 O  O     . HOH G 4 . ? 2.495   -3.246  -5.814  1.00 20.57 ? 18  HOH B O     1 
HETATM 321 O  O     . HOH G 4 . ? 0.273   -3.651  -8.451  1.00 23.33 ? 19  HOH B O     1 
HETATM 322 O  O     . HOH G 4 . ? 2.228   -8.748  -2.516  1.00 36.04 ? 20  HOH B O     1 
HETATM 323 O  O     . HOH G 4 . ? 4.562   -6.230  -6.699  1.00 27.00 ? 22  HOH B O     1 
HETATM 324 O  O     . HOH G 4 . ? 2.031   -5.497  -2.049  1.00 14.01 ? 23  HOH B O     1 
HETATM 325 O  O     . HOH G 4 . ? 0.704   -7.196  -0.352  1.00 13.23 ? 24  HOH B O     1 
HETATM 326 O  O     . HOH G 4 . ? -1.101  -8.342  3.072   1.00 40.87 ? 25  HOH B O     1 
HETATM 327 O  O     . HOH G 4 . ? -11.332 -9.742  6.662   1.00 11.88 ? 28  HOH B O     1 
HETATM 328 O  O     . HOH G 4 . ? -10.513 -11.774 2.384   1.00 26.70 ? 29  HOH B O     1 
HETATM 329 O  O     . HOH G 4 . ? -8.471  -10.357 6.426   1.00 9.96  ? 30  HOH B O     1 
HETATM 330 O  O     . HOH G 4 . ? 1.862   -7.407  -8.885  1.00 32.39 ? 32  HOH B O     1 
HETATM 331 O  O     . HOH G 4 . ? 5.121   -10.385 1.732   1.00 27.45 ? 38  HOH B O     1 
HETATM 332 O  O     . HOH G 4 . ? -5.242  -7.627  7.681   1.00 9.34  ? 48  HOH B O     1 
HETATM 333 O  O     . HOH G 4 . ? -1.026  -7.175  6.071   1.00 26.32 ? 52  HOH B O     1 
HETATM 334 O  O     . HOH G 4 . ? -2.367  -7.596  8.347   1.00 17.59 ? 60  HOH B O     1 
HETATM 335 O  O     . HOH G 4 . ? 1.442   -5.801  4.642   1.00 34.04 ? 62  HOH B O     1 
HETATM 336 O  O     . HOH G 4 . ? -0.817  -5.003  8.528   1.00 24.60 ? 63  HOH B O     1 
HETATM 337 O  O     . HOH G 4 . ? -2.738  -3.732  9.998   1.00 30.14 ? 66  HOH B O     1 
HETATM 338 O  O     . HOH G 4 . ? -0.893  -6.403  1.754   1.00 16.41 ? 67  HOH B O     1 
HETATM 339 O  O     . HOH G 4 . ? 3.645   -8.755  0.010   1.00 14.50 ? 69  HOH B O     1 
HETATM 340 O  O     . HOH G 4 . ? 1.176   -9.290  1.604   1.00 17.82 ? 70  HOH B O     1 
HETATM 341 O  O     . HOH G 4 . ? 1.235   -9.104  5.639   1.00 12.70 ? 71  HOH B O     1 
HETATM 342 O  O     . HOH G 4 . ? -8.005  -8.694  -0.074  1.00 14.63 ? 76  HOH B O     1 
HETATM 343 O  O     . HOH G 4 . ? -5.760  -10.262 -0.333  1.00 9.60  ? 77  HOH B O     1 
HETATM 344 O  O     . HOH G 4 . ? -5.286  -7.793  3.348   1.00 6.08  ? 78  HOH B O     1 
HETATM 345 O  O     . HOH G 4 . ? -12.061 -2.784  -1.308  1.00 16.09 ? 94  HOH B O     1 
HETATM 346 O  O     . HOH G 4 . ? -8.963  -10.568 1.789   1.00 27.91 ? 95  HOH B O     1 
HETATM 347 O  O     . HOH G 4 . ? -9.829  -0.885  -0.767  1.00 30.67 ? 96  HOH B O     1 
HETATM 348 O  O     . HOH G 4 . ? 3.231   -7.206  -3.938  1.00 15.93 ? 98  HOH B O     1 
HETATM 349 O  O     . HOH G 4 . ? -10.395 -4.304  -0.814  1.00 11.71 ? 100 HOH B O     1 
# 
